data_5K3X
#
_entry.id   5K3X
#
_cell.length_a   73.470
_cell.length_b   95.720
_cell.length_c   109.620
_cell.angle_alpha   90.00
_cell.angle_beta   90.00
_cell.angle_gamma   90.00
#
_symmetry.space_group_name_H-M   'P 21 21 21'
#
loop_
_entity.id
_entity.type
_entity.pdbx_description
1 polymer 'Putative sulfite oxidase'
2 non-polymer (MOLYBDOPTERIN-S,S)-OXO-MOLYBDENUM
3 non-polymer GLYCEROL
4 water water
#
_entity_poly.entity_id   1
_entity_poly.type   'polypeptide(L)'
_entity_poly.pdbx_seq_one_letter_code
;SKETKPLPDYVAWKDADALIVHSDKTLETKRSEFGTSIITPEEKLYIKNNVNTPPESILADRDGWKVEISGVKEPRTLTV
AELKTLGLVTAATVLQCSGNGRKYFKDQLTGDQKMSGTPWTVGAAGCVIWSGVPLKAVVDALGGPAEGARFITGTGGEEL
PAGLDPKLLVVERSVPISNLDNVILAWEMNGRPLSLAHGGPLRMVVPGYSGVNNIKYVKAVAMTEVETDAKIQKTSYRVH
ALGEKGSPDQPSVWEQPVKSWITTPHEAAKAGQVQIAGVAFGGMNACKSVEVSVDGGQTWQEAEFIGPDLGRFAWRVFAL
SADLARGTYTLVSRATDTEGNVQPEETEMNGAGYGHNGWRAPAVKLTVA
;
_entity_poly.pdbx_strand_id   A,B
#
loop_
_chem_comp.id
_chem_comp.type
_chem_comp.name
_chem_comp.formula
GOL non-polymer GLYCEROL 'C3 H8 O3'
MSS non-polymer (MOLYBDOPTERIN-S,S)-OXO-MOLYBDENUM 'C10 H12 Mo N5 O7 P S2'
#
# COMPACT_ATOMS: atom_id res chain seq x y z
N LEU A 27 -12.98 -14.18 11.39
CA LEU A 27 -13.27 -12.75 11.03
C LEU A 27 -13.17 -12.54 9.51
N GLU A 28 -14.30 -12.19 8.86
CA GLU A 28 -14.38 -12.00 7.38
C GLU A 28 -14.64 -10.56 6.91
N THR A 29 -13.87 -10.13 5.89
CA THR A 29 -14.01 -8.79 5.28
C THR A 29 -15.33 -8.65 4.50
N LYS A 30 -16.04 -7.53 4.66
CA LYS A 30 -17.25 -7.23 3.84
C LYS A 30 -16.81 -6.57 2.53
N ARG A 31 -17.64 -6.64 1.48
CA ARG A 31 -17.18 -6.18 0.13
C ARG A 31 -16.88 -4.73 0.03
N SER A 32 -17.72 -3.91 0.66
CA SER A 32 -17.48 -2.49 0.85
C SER A 32 -16.16 -2.14 1.53
N GLU A 33 -15.53 -3.07 2.23
CA GLU A 33 -14.34 -2.76 3.02
CA GLU A 33 -14.33 -2.79 3.03
C GLU A 33 -13.02 -3.05 2.29
N PHE A 34 -13.07 -3.62 1.08
CA PHE A 34 -11.84 -3.87 0.33
C PHE A 34 -11.19 -2.57 -0.12
N GLY A 35 -12.00 -1.56 -0.39
CA GLY A 35 -11.52 -0.34 -1.01
C GLY A 35 -11.09 -0.56 -2.45
N THR A 36 -10.57 0.51 -3.05
CA THR A 36 -10.08 0.46 -4.43
C THR A 36 -8.61 0.95 -4.53
N SER A 37 -7.87 0.84 -3.43
CA SER A 37 -6.46 1.25 -3.37
C SER A 37 -5.49 0.09 -3.56
N ILE A 38 -6.01 -1.05 -4.02
CA ILE A 38 -5.31 -2.33 -4.16
CA ILE A 38 -5.28 -2.34 -4.16
C ILE A 38 -5.05 -2.96 -2.79
N ILE A 39 -4.25 -2.30 -1.99
CA ILE A 39 -3.88 -2.77 -0.66
C ILE A 39 -5.08 -2.82 0.28
N THR A 40 -5.19 -3.96 0.97
CA THR A 40 -6.23 -4.16 1.95
C THR A 40 -5.76 -3.58 3.29
N PRO A 41 -6.57 -2.70 3.89
CA PRO A 41 -6.19 -2.19 5.20
C PRO A 41 -5.95 -3.31 6.21
N GLU A 42 -4.84 -3.21 6.93
CA GLU A 42 -4.42 -4.26 7.84
C GLU A 42 -5.46 -4.53 8.92
N GLU A 43 -6.15 -3.48 9.37
CA GLU A 43 -7.18 -3.66 10.40
C GLU A 43 -8.49 -4.26 9.89
N LYS A 44 -8.66 -4.39 8.55
CA LYS A 44 -9.82 -5.05 7.96
CA LYS A 44 -9.81 -5.02 7.91
C LYS A 44 -9.49 -6.42 7.38
N LEU A 45 -8.21 -6.78 7.31
CA LEU A 45 -7.79 -8.06 6.77
C LEU A 45 -8.34 -9.22 7.59
N TYR A 46 -8.84 -10.25 6.91
CA TYR A 46 -9.43 -11.39 7.61
C TYR A 46 -8.45 -12.10 8.54
N ILE A 47 -8.97 -12.77 9.55
CA ILE A 47 -8.17 -13.57 10.47
C ILE A 47 -8.66 -15.01 10.43
N LYS A 48 -7.73 -15.95 10.27
CA LYS A 48 -8.04 -17.38 10.35
CA LYS A 48 -8.05 -17.38 10.40
C LYS A 48 -6.89 -18.07 11.08
N ASN A 49 -7.22 -18.81 12.14
CA ASN A 49 -6.26 -19.63 12.86
C ASN A 49 -6.78 -21.06 12.96
N ASN A 50 -5.87 -22.01 12.89
CA ASN A 50 -6.19 -23.43 13.09
C ASN A 50 -6.19 -23.80 14.55
N VAL A 51 -5.42 -23.06 15.36
CA VAL A 51 -5.28 -23.31 16.81
C VAL A 51 -5.29 -21.97 17.53
N ASN A 52 -5.34 -21.99 18.87
CA ASN A 52 -5.29 -20.75 19.64
C ASN A 52 -3.99 -20.01 19.41
N THR A 53 -4.08 -18.70 19.48
CA THR A 53 -2.97 -17.86 19.17
C THR A 53 -1.99 -17.84 20.36
N PRO A 54 -0.71 -17.58 20.09
CA PRO A 54 0.22 -17.33 21.19
C PRO A 54 -0.12 -16.05 21.95
N PRO A 55 0.49 -15.87 23.13
CA PRO A 55 0.26 -14.63 23.84
C PRO A 55 0.94 -13.46 23.15
N GLU A 56 0.37 -12.28 23.31
CA GLU A 56 0.93 -11.08 22.70
C GLU A 56 2.34 -10.75 23.14
N SER A 57 2.75 -11.33 24.26
CA SER A 57 4.10 -11.18 24.77
C SER A 57 5.22 -11.68 23.88
N ILE A 58 4.91 -12.51 22.87
CA ILE A 58 5.90 -12.86 21.86
C ILE A 58 6.34 -11.63 21.05
N LEU A 59 5.59 -10.52 21.15
CA LEU A 59 5.95 -9.28 20.46
C LEU A 59 6.70 -8.27 21.35
N ALA A 60 6.86 -8.56 22.63
CA ALA A 60 7.58 -7.68 23.54
C ALA A 60 9.00 -7.39 23.05
N ASP A 61 9.68 -8.43 22.61
CA ASP A 61 11.03 -8.31 22.05
C ASP A 61 11.04 -9.03 20.69
N ARG A 62 10.55 -8.33 19.68
CA ARG A 62 10.49 -8.88 18.31
C ARG A 62 11.85 -9.33 17.83
N ASP A 63 12.87 -8.50 18.09
CA ASP A 63 14.21 -8.78 17.60
C ASP A 63 14.87 -10.01 18.26
N GLY A 64 14.39 -10.43 19.43
CA GLY A 64 14.87 -11.62 20.11
C GLY A 64 14.17 -12.91 19.71
N TRP A 65 13.15 -12.82 18.85
CA TRP A 65 12.46 -14.05 18.38
C TRP A 65 13.44 -14.92 17.61
N LYS A 66 13.45 -16.22 17.91
CA LYS A 66 14.38 -17.18 17.33
C LYS A 66 13.74 -18.06 16.27
N VAL A 67 14.48 -18.28 15.18
CA VAL A 67 14.06 -19.20 14.14
CA VAL A 67 14.08 -19.17 14.11
C VAL A 67 15.18 -20.19 13.88
N GLU A 68 14.84 -21.47 14.01
CA GLU A 68 15.77 -22.56 13.75
CA GLU A 68 15.79 -22.53 13.74
C GLU A 68 15.79 -22.84 12.25
N ILE A 69 16.97 -22.73 11.62
CA ILE A 69 17.12 -23.02 10.20
C ILE A 69 17.88 -24.31 10.05
N SER A 70 17.27 -25.30 9.39
CA SER A 70 17.88 -26.61 9.23
C SER A 70 17.75 -27.09 7.80
N GLY A 71 18.37 -28.23 7.51
CA GLY A 71 18.44 -28.72 6.16
C GLY A 71 19.30 -27.86 5.25
N VAL A 72 20.25 -27.16 5.87
CA VAL A 72 21.21 -26.34 5.20
C VAL A 72 22.60 -26.86 5.59
N LYS A 73 23.62 -26.42 4.89
CA LYS A 73 24.99 -26.89 5.14
C LYS A 73 25.49 -26.54 6.54
N GLU A 74 25.09 -25.39 7.09
CA GLU A 74 25.49 -24.94 8.41
C GLU A 74 24.26 -24.53 9.23
N PRO A 75 23.53 -25.53 9.77
CA PRO A 75 22.32 -25.25 10.54
C PRO A 75 22.59 -24.41 11.77
N ARG A 76 21.71 -23.46 12.03
CA ARG A 76 21.87 -22.49 13.09
C ARG A 76 20.51 -21.94 13.48
N THR A 77 20.40 -21.46 14.72
CA THR A 77 19.23 -20.69 15.13
C THR A 77 19.62 -19.22 15.02
N LEU A 78 18.78 -18.43 14.35
CA LEU A 78 19.01 -17.00 14.15
C LEU A 78 17.89 -16.21 14.83
N THR A 79 18.24 -15.08 15.43
CA THR A 79 17.24 -14.14 15.90
C THR A 79 16.73 -13.26 14.74
N VAL A 80 15.59 -12.63 14.96
CA VAL A 80 15.07 -11.63 14.02
C VAL A 80 16.08 -10.48 13.84
N ALA A 81 16.74 -10.05 14.91
CA ALA A 81 17.81 -9.03 14.77
C ALA A 81 18.85 -9.49 13.76
N GLU A 82 19.28 -10.74 13.88
CA GLU A 82 20.26 -11.26 12.91
C GLU A 82 19.68 -11.34 11.50
N LEU A 83 18.44 -11.79 11.39
CA LEU A 83 17.78 -11.86 10.07
C LEU A 83 17.78 -10.51 9.37
N LYS A 84 17.51 -9.47 10.13
CA LYS A 84 17.46 -8.10 9.59
C LYS A 84 18.80 -7.61 9.03
N THR A 85 19.91 -8.25 9.41
CA THR A 85 21.21 -7.89 8.86
C THR A 85 21.46 -8.52 7.52
N LEU A 86 20.71 -9.58 7.17
CA LEU A 86 21.09 -10.42 6.01
C LEU A 86 20.53 -9.97 4.67
N GLY A 87 19.46 -9.18 4.68
CA GLY A 87 18.85 -8.75 3.45
C GLY A 87 17.56 -8.01 3.71
N LEU A 88 16.99 -7.51 2.64
CA LEU A 88 15.73 -6.76 2.69
C LEU A 88 14.98 -7.02 1.40
N VAL A 89 13.71 -7.37 1.51
CA VAL A 89 12.85 -7.55 0.36
C VAL A 89 11.45 -7.07 0.74
N THR A 90 10.74 -6.55 -0.25
CA THR A 90 9.37 -6.09 -0.08
C THR A 90 8.56 -6.58 -1.28
N ALA A 91 7.41 -7.19 -1.01
CA ALA A 91 6.55 -7.68 -2.07
C ALA A 91 5.10 -7.75 -1.62
N ALA A 92 4.22 -7.47 -2.57
CA ALA A 92 2.79 -7.58 -2.37
C ALA A 92 2.33 -8.98 -2.79
N THR A 93 1.48 -9.58 -1.98
CA THR A 93 0.83 -10.84 -2.34
C THR A 93 -0.63 -10.80 -1.98
N VAL A 94 -1.35 -11.79 -2.51
CA VAL A 94 -2.71 -12.04 -2.12
C VAL A 94 -2.69 -13.12 -1.03
N LEU A 95 -3.12 -12.74 0.17
CA LEU A 95 -3.28 -13.65 1.30
C LEU A 95 -4.75 -14.06 1.27
N GLN A 96 -5.01 -15.33 0.94
CA GLN A 96 -6.36 -15.83 0.78
C GLN A 96 -6.46 -17.23 1.34
N CYS A 97 -7.45 -17.43 2.19
CA CYS A 97 -7.68 -18.76 2.74
C CYS A 97 -8.11 -19.70 1.62
N SER A 98 -7.62 -20.94 1.66
CA SER A 98 -8.11 -22.01 0.78
C SER A 98 -9.63 -22.16 0.91
N GLY A 99 -10.18 -21.86 2.08
CA GLY A 99 -11.62 -21.88 2.28
C GLY A 99 -12.45 -20.70 1.74
N ASN A 100 -11.80 -19.66 1.22
CA ASN A 100 -12.55 -18.54 0.66
C ASN A 100 -13.44 -19.06 -0.48
N GLY A 101 -14.74 -18.78 -0.42
CA GLY A 101 -15.72 -19.29 -1.35
C GLY A 101 -16.39 -20.59 -0.94
N ARG A 102 -16.08 -21.11 0.25
CA ARG A 102 -16.66 -22.37 0.67
C ARG A 102 -18.19 -22.32 0.66
N LYS A 103 -18.78 -21.20 1.07
CA LYS A 103 -20.26 -21.04 0.99
C LYS A 103 -20.83 -21.46 -0.35
N TYR A 104 -20.10 -21.14 -1.43
CA TYR A 104 -20.56 -21.40 -2.77
C TYR A 104 -20.54 -22.89 -3.12
N PHE A 105 -19.61 -23.64 -2.54
CA PHE A 105 -19.68 -25.11 -2.62
C PHE A 105 -20.85 -25.65 -1.80
N LYS A 106 -21.06 -25.15 -0.59
CA LYS A 106 -22.18 -25.62 0.22
C LYS A 106 -23.53 -25.39 -0.48
N ASP A 107 -23.65 -24.24 -1.17
CA ASP A 107 -24.83 -23.97 -2.00
C ASP A 107 -25.14 -25.03 -3.07
N GLN A 108 -24.12 -25.74 -3.54
CA GLN A 108 -24.29 -26.78 -4.56
C GLN A 108 -24.59 -28.18 -4.00
N LEU A 109 -24.60 -28.35 -2.68
CA LEU A 109 -24.88 -29.64 -2.09
C LEU A 109 -26.36 -29.99 -2.29
N THR A 110 -26.65 -31.27 -2.50
CA THR A 110 -28.02 -31.75 -2.70
C THR A 110 -28.28 -32.92 -1.78
N GLY A 111 -29.57 -33.16 -1.52
CA GLY A 111 -30.01 -34.30 -0.73
C GLY A 111 -29.40 -34.36 0.64
N ASP A 112 -28.70 -35.46 0.93
CA ASP A 112 -28.08 -35.69 2.23
C ASP A 112 -26.62 -35.19 2.31
N GLN A 113 -26.10 -34.63 1.23
CA GLN A 113 -24.69 -34.21 1.18
C GLN A 113 -24.44 -33.11 2.21
N LYS A 114 -23.28 -33.20 2.86
CA LYS A 114 -22.91 -32.30 3.96
CA LYS A 114 -22.91 -32.27 3.93
C LYS A 114 -21.47 -31.80 3.76
N MET A 115 -21.18 -30.62 4.26
CA MET A 115 -19.80 -30.06 4.25
C MET A 115 -19.61 -29.19 5.46
N SER A 116 -18.63 -29.54 6.29
CA SER A 116 -18.29 -28.71 7.44
C SER A 116 -17.34 -27.58 7.01
N GLY A 117 -17.11 -26.65 7.93
CA GLY A 117 -16.10 -25.62 7.76
C GLY A 117 -16.73 -24.25 7.55
N THR A 118 -15.92 -23.22 7.76
CA THR A 118 -16.37 -21.86 7.71
C THR A 118 -16.94 -21.52 6.33
N PRO A 119 -18.19 -21.01 6.27
CA PRO A 119 -18.82 -20.71 4.99
C PRO A 119 -18.44 -19.30 4.47
N TRP A 120 -17.14 -19.11 4.24
CA TRP A 120 -16.65 -17.85 3.66
C TRP A 120 -17.29 -17.59 2.31
N THR A 121 -17.50 -16.33 1.96
CA THR A 121 -17.94 -15.98 0.62
C THR A 121 -16.72 -15.50 -0.18
N VAL A 122 -16.42 -14.20 -0.14
CA VAL A 122 -15.19 -13.66 -0.74
C VAL A 122 -14.29 -12.95 0.28
N GLY A 123 -14.69 -12.85 1.55
CA GLY A 123 -13.99 -11.99 2.48
C GLY A 123 -12.75 -12.54 3.17
N ALA A 124 -12.38 -13.80 2.89
CA ALA A 124 -11.14 -14.38 3.43
C ALA A 124 -9.98 -14.20 2.44
N ALA A 125 -9.71 -12.93 2.10
CA ALA A 125 -8.66 -12.55 1.16
C ALA A 125 -8.32 -11.09 1.35
N GLY A 126 -7.05 -10.78 1.16
CA GLY A 126 -6.58 -9.40 1.05
C GLY A 126 -5.31 -9.36 0.22
N CYS A 127 -4.96 -8.17 -0.21
CA CYS A 127 -3.68 -7.95 -0.88
C CYS A 127 -2.87 -7.02 0.02
N VAL A 128 -1.70 -7.47 0.44
CA VAL A 128 -0.91 -6.72 1.38
C VAL A 128 0.54 -6.72 0.96
N ILE A 129 1.27 -5.74 1.47
CA ILE A 129 2.70 -5.60 1.17
C ILE A 129 3.46 -6.11 2.37
N TRP A 130 4.31 -7.10 2.13
CA TRP A 130 5.16 -7.65 3.17
C TRP A 130 6.59 -7.07 3.05
N SER A 131 7.28 -6.98 4.17
CA SER A 131 8.68 -6.65 4.11
C SER A 131 9.45 -7.51 5.11
N GLY A 132 10.60 -7.98 4.68
CA GLY A 132 11.44 -8.81 5.54
C GLY A 132 12.72 -9.21 4.85
N VAL A 133 13.18 -10.44 5.12
CA VAL A 133 14.40 -10.95 4.51
C VAL A 133 14.04 -12.07 3.53
N PRO A 134 14.67 -12.11 2.35
CA PRO A 134 14.46 -13.29 1.48
C PRO A 134 14.98 -14.56 2.14
N LEU A 135 14.18 -15.61 2.10
CA LEU A 135 14.65 -16.88 2.64
C LEU A 135 15.91 -17.33 1.93
N LYS A 136 16.01 -17.03 0.65
CA LYS A 136 17.22 -17.38 -0.11
C LYS A 136 18.48 -16.79 0.53
N ALA A 137 18.39 -15.55 1.03
CA ALA A 137 19.54 -14.90 1.69
C ALA A 137 19.89 -15.59 3.01
N VAL A 138 18.88 -16.07 3.72
CA VAL A 138 19.10 -16.76 4.98
C VAL A 138 19.79 -18.11 4.73
N VAL A 139 19.25 -18.90 3.79
CA VAL A 139 19.84 -20.22 3.52
C VAL A 139 21.25 -20.07 2.90
N ASP A 140 21.46 -19.06 2.05
CA ASP A 140 22.81 -18.81 1.50
C ASP A 140 23.84 -18.41 2.56
N ALA A 141 23.44 -17.63 3.55
CA ALA A 141 24.34 -17.29 4.66
C ALA A 141 24.75 -18.50 5.47
N LEU A 142 23.93 -19.55 5.44
CA LEU A 142 24.22 -20.82 6.09
C LEU A 142 24.71 -21.92 5.14
N GLY A 143 25.31 -21.51 4.02
CA GLY A 143 25.95 -22.43 3.07
C GLY A 143 25.04 -23.10 2.06
N GLY A 144 23.78 -22.70 2.01
CA GLY A 144 22.85 -23.22 1.02
C GLY A 144 22.13 -24.46 1.52
N PRO A 145 21.04 -24.86 0.84
CA PRO A 145 20.34 -26.10 1.20
C PRO A 145 21.22 -27.32 1.13
N ALA A 146 20.91 -28.27 1.98
CA ALA A 146 21.56 -29.57 1.95
C ALA A 146 21.23 -30.29 0.64
N GLU A 147 22.20 -31.07 0.17
CA GLU A 147 22.05 -31.85 -1.07
C GLU A 147 20.77 -32.67 -0.98
N GLY A 148 19.95 -32.62 -2.01
CA GLY A 148 18.75 -33.44 -2.04
C GLY A 148 17.48 -32.79 -1.51
N ALA A 149 17.58 -31.57 -0.95
CA ALA A 149 16.38 -30.89 -0.45
C ALA A 149 15.37 -30.65 -1.58
N ARG A 150 14.09 -30.95 -1.31
CA ARG A 150 12.99 -30.76 -2.27
C ARG A 150 11.84 -29.88 -1.77
N PHE A 151 11.81 -29.58 -0.48
CA PHE A 151 10.72 -28.79 0.15
C PHE A 151 11.24 -27.76 1.11
N ILE A 152 10.44 -26.72 1.32
CA ILE A 152 10.61 -25.74 2.37
C ILE A 152 9.49 -26.05 3.35
N THR A 153 9.88 -26.34 4.59
CA THR A 153 8.95 -26.74 5.62
C THR A 153 9.02 -25.75 6.78
N GLY A 154 7.92 -25.04 7.03
CA GLY A 154 7.89 -24.03 8.10
C GLY A 154 7.00 -24.47 9.23
N THR A 155 7.43 -24.19 10.45
CA THR A 155 6.71 -24.60 11.66
C THR A 155 6.24 -23.39 12.43
N GLY A 156 4.95 -23.33 12.74
CA GLY A 156 4.36 -22.29 13.55
C GLY A 156 4.84 -22.33 14.99
N GLY A 157 4.87 -21.16 15.62
CA GLY A 157 5.42 -21.01 16.98
C GLY A 157 4.48 -21.25 18.14
N GLU A 158 3.27 -21.71 17.88
CA GLU A 158 2.32 -22.00 18.96
C GLU A 158 2.85 -23.08 19.90
N GLU A 159 2.53 -22.93 21.18
CA GLU A 159 2.82 -23.93 22.20
C GLU A 159 1.86 -25.10 22.04
N LEU A 160 2.38 -26.30 21.92
CA LEU A 160 1.55 -27.48 21.78
C LEU A 160 1.26 -28.07 23.17
N PRO A 161 0.03 -28.61 23.37
CA PRO A 161 -0.36 -29.15 24.68
C PRO A 161 0.46 -30.39 24.99
N ALA A 162 0.96 -30.47 26.22
CA ALA A 162 1.85 -31.58 26.60
C ALA A 162 1.14 -32.94 26.59
N GLY A 163 1.93 -33.99 26.39
CA GLY A 163 1.46 -35.37 26.35
C GLY A 163 0.97 -35.89 25.00
N LEU A 164 0.29 -35.02 24.24
CA LEU A 164 -0.41 -35.42 23.00
C LEU A 164 0.52 -35.39 21.82
N ASP A 165 0.19 -36.16 20.79
CA ASP A 165 1.07 -36.26 19.62
C ASP A 165 1.06 -34.88 18.94
N PRO A 166 2.22 -34.18 18.93
CA PRO A 166 2.22 -32.84 18.32
C PRO A 166 1.90 -32.84 16.81
N LYS A 167 2.11 -33.98 16.12
CA LYS A 167 1.76 -34.08 14.69
CA LYS A 167 1.77 -34.09 14.70
C LYS A 167 0.28 -33.81 14.43
N LEU A 168 -0.56 -34.09 15.41
CA LEU A 168 -1.98 -33.88 15.27
C LEU A 168 -2.42 -32.42 15.30
N LEU A 169 -1.62 -31.55 15.93
CA LEU A 169 -2.02 -30.15 16.10
C LEU A 169 -1.07 -29.12 15.51
N VAL A 170 0.20 -29.45 15.32
CA VAL A 170 1.18 -28.45 14.90
C VAL A 170 0.82 -27.85 13.54
N VAL A 171 0.97 -26.54 13.41
CA VAL A 171 0.75 -25.87 12.15
C VAL A 171 2.11 -25.85 11.46
N GLU A 172 2.33 -26.84 10.61
CA GLU A 172 3.61 -27.04 9.91
C GLU A 172 3.26 -27.43 8.49
N ARG A 173 3.76 -26.68 7.52
CA ARG A 173 3.45 -26.91 6.11
C ARG A 173 4.72 -26.99 5.28
N SER A 174 4.63 -27.74 4.19
CA SER A 174 5.70 -27.90 3.25
C SER A 174 5.25 -27.42 1.89
N VAL A 175 6.12 -26.67 1.23
CA VAL A 175 5.94 -26.28 -0.18
C VAL A 175 7.17 -26.66 -0.99
N PRO A 176 7.01 -26.79 -2.31
CA PRO A 176 8.17 -27.14 -3.13
C PRO A 176 9.31 -26.15 -3.03
N ILE A 177 10.53 -26.67 -3.09
CA ILE A 177 11.72 -25.81 -2.96
C ILE A 177 11.91 -24.86 -4.15
N SER A 178 11.24 -25.10 -5.27
CA SER A 178 11.17 -24.12 -6.38
C SER A 178 10.72 -22.73 -5.93
N ASN A 179 10.01 -22.66 -4.81
CA ASN A 179 9.59 -21.36 -4.21
C ASN A 179 10.67 -20.60 -3.44
N LEU A 180 11.83 -21.19 -3.25
CA LEU A 180 12.87 -20.61 -2.40
C LEU A 180 13.16 -19.14 -2.73
N ASP A 181 13.31 -18.82 -4.00
CA ASP A 181 13.67 -17.43 -4.39
C ASP A 181 12.56 -16.42 -4.12
N ASN A 182 11.33 -16.87 -3.91
CA ASN A 182 10.22 -15.96 -3.62
C ASN A 182 9.85 -15.86 -2.15
N VAL A 183 10.20 -16.87 -1.33
CA VAL A 183 9.72 -16.90 0.06
C VAL A 183 10.35 -15.75 0.88
N ILE A 184 9.55 -15.10 1.71
CA ILE A 184 9.99 -14.01 2.58
C ILE A 184 9.76 -14.41 4.04
N LEU A 185 10.75 -14.16 4.89
CA LEU A 185 10.52 -14.18 6.33
C LEU A 185 10.22 -12.74 6.71
N ALA A 186 8.94 -12.44 6.89
CA ALA A 186 8.46 -11.06 6.99
C ALA A 186 8.28 -10.64 8.43
N TRP A 187 8.72 -9.42 8.75
CA TRP A 187 8.52 -8.85 10.09
C TRP A 187 7.58 -7.63 10.06
N GLU A 188 7.15 -7.25 8.85
CA GLU A 188 6.40 -6.05 8.62
C GLU A 188 5.36 -6.30 7.53
N MET A 189 4.23 -5.64 7.66
CA MET A 189 3.17 -5.67 6.66
C MET A 189 2.54 -4.29 6.57
N ASN A 190 2.37 -3.80 5.34
CA ASN A 190 1.74 -2.49 5.09
C ASN A 190 2.38 -1.39 5.92
N GLY A 191 3.70 -1.49 6.10
CA GLY A 191 4.49 -0.43 6.71
C GLY A 191 4.55 -0.48 8.22
N ARG A 192 3.87 -1.45 8.85
CA ARG A 192 3.74 -1.57 10.31
C ARG A 192 4.39 -2.88 10.75
N PRO A 193 4.97 -2.95 11.97
CA PRO A 193 5.41 -4.23 12.49
C PRO A 193 4.25 -5.23 12.47
N LEU A 194 4.53 -6.48 12.16
CA LEU A 194 3.49 -7.46 12.00
CA LEU A 194 3.49 -7.51 12.02
C LEU A 194 2.72 -7.67 13.32
N SER A 195 1.40 -7.60 13.25
CA SER A 195 0.56 -7.78 14.43
C SER A 195 0.50 -9.25 14.80
N LEU A 196 0.07 -9.53 16.03
CA LEU A 196 -0.15 -10.91 16.46
C LEU A 196 -1.20 -11.59 15.59
N ALA A 197 -2.26 -10.84 15.27
CA ALA A 197 -3.35 -11.34 14.46
C ALA A 197 -2.85 -11.83 13.10
N HIS A 198 -1.82 -11.18 12.56
CA HIS A 198 -1.27 -11.56 11.28
C HIS A 198 0.10 -12.18 11.31
N GLY A 199 0.45 -12.69 12.49
CA GLY A 199 1.57 -13.61 12.60
C GLY A 199 2.91 -13.07 12.99
N GLY A 200 2.95 -11.89 13.60
CA GLY A 200 4.17 -11.39 14.19
C GLY A 200 4.72 -12.32 15.27
N PRO A 201 6.03 -12.25 15.54
CA PRO A 201 6.93 -11.22 15.03
C PRO A 201 7.58 -11.55 13.68
N LEU A 202 7.34 -12.74 13.19
CA LEU A 202 7.95 -13.19 11.94
C LEU A 202 7.06 -14.21 11.29
N ARG A 203 6.83 -14.07 9.97
CA ARG A 203 5.92 -14.94 9.25
C ARG A 203 6.58 -15.44 7.97
N MET A 204 6.34 -16.70 7.64
CA MET A 204 6.87 -17.27 6.40
C MET A 204 5.83 -17.02 5.32
N VAL A 205 6.16 -16.15 4.37
CA VAL A 205 5.28 -15.78 3.29
C VAL A 205 5.68 -16.51 2.03
N VAL A 206 4.72 -17.21 1.40
CA VAL A 206 4.95 -18.00 0.20
C VAL A 206 4.06 -17.39 -0.91
N PRO A 207 4.62 -16.46 -1.70
CA PRO A 207 3.81 -15.78 -2.72
C PRO A 207 3.13 -16.74 -3.71
N GLY A 208 1.85 -16.49 -3.97
CA GLY A 208 1.11 -17.25 -4.93
C GLY A 208 0.45 -18.50 -4.38
N TYR A 209 0.72 -18.82 -3.12
CA TYR A 209 0.22 -20.04 -2.47
C TYR A 209 -0.90 -19.70 -1.48
N SER A 210 -1.76 -20.68 -1.26
CA SER A 210 -2.92 -20.47 -0.40
CA SER A 210 -2.91 -20.53 -0.38
CA SER A 210 -2.90 -20.54 -0.38
C SER A 210 -2.51 -20.16 1.04
N GLY A 211 -3.42 -19.49 1.74
CA GLY A 211 -3.18 -18.95 3.08
C GLY A 211 -2.51 -19.84 4.11
N VAL A 212 -2.95 -21.10 4.14
CA VAL A 212 -2.42 -22.09 5.09
C VAL A 212 -0.89 -22.23 5.06
N ASN A 213 -0.28 -22.04 3.90
CA ASN A 213 1.15 -22.15 3.72
C ASN A 213 1.96 -20.98 4.26
N ASN A 214 1.26 -19.87 4.57
CA ASN A 214 1.89 -18.66 5.06
C ASN A 214 1.96 -18.69 6.59
N ILE A 215 3.01 -19.36 7.09
CA ILE A 215 3.09 -19.79 8.48
C ILE A 215 3.36 -18.59 9.40
N LYS A 216 2.42 -18.35 10.30
CA LYS A 216 2.52 -17.30 11.32
C LYS A 216 3.51 -17.67 12.43
N TYR A 217 4.12 -16.64 13.05
CA TYR A 217 5.03 -16.83 14.17
C TYR A 217 5.96 -18.02 13.92
N VAL A 218 6.61 -17.96 12.77
CA VAL A 218 7.42 -19.07 12.31
C VAL A 218 8.68 -19.23 13.17
N LYS A 219 8.82 -20.42 13.77
CA LYS A 219 9.93 -20.69 14.69
C LYS A 219 10.96 -21.63 14.13
N ALA A 220 10.67 -22.24 12.97
CA ALA A 220 11.60 -23.11 12.29
C ALA A 220 11.31 -23.14 10.81
N VAL A 221 12.38 -23.15 10.02
CA VAL A 221 12.30 -23.36 8.59
C VAL A 221 13.34 -24.42 8.22
N ALA A 222 12.89 -25.48 7.57
CA ALA A 222 13.76 -26.61 7.26
C ALA A 222 13.67 -26.92 5.78
N MET A 223 14.81 -27.14 5.14
CA MET A 223 14.85 -27.60 3.76
C MET A 223 14.82 -29.12 3.87
N THR A 224 13.74 -29.74 3.42
CA THR A 224 13.50 -31.16 3.65
C THR A 224 13.41 -31.94 2.34
N GLU A 225 13.70 -33.24 2.40
CA GLU A 225 13.59 -34.11 1.23
C GLU A 225 12.15 -34.62 1.03
N VAL A 226 11.34 -34.54 2.09
CA VAL A 226 9.96 -34.98 2.08
C VAL A 226 9.10 -33.92 2.76
N GLU A 227 7.81 -33.95 2.44
CA GLU A 227 6.82 -33.14 3.12
C GLU A 227 6.77 -33.53 4.58
N THR A 228 6.47 -32.56 5.43
CA THR A 228 6.09 -32.89 6.80
C THR A 228 4.91 -33.90 6.84
N ASP A 229 4.96 -34.79 7.82
CA ASP A 229 3.83 -35.71 8.07
C ASP A 229 2.84 -35.19 9.12
N ALA A 230 2.98 -33.93 9.53
CA ALA A 230 1.98 -33.29 10.32
C ALA A 230 0.61 -33.46 9.66
N LYS A 231 -0.40 -33.67 10.50
CA LYS A 231 -1.77 -33.85 10.01
C LYS A 231 -2.23 -32.75 9.07
N ILE A 232 -1.88 -31.51 9.41
CA ILE A 232 -2.31 -30.37 8.63
C ILE A 232 -1.76 -30.37 7.21
N GLN A 233 -0.69 -31.14 6.99
CA GLN A 233 -0.10 -31.35 5.66
C GLN A 233 -0.54 -32.68 5.05
N LYS A 234 -0.48 -33.75 5.83
CA LYS A 234 -0.70 -35.08 5.29
C LYS A 234 -2.14 -35.30 4.82
N THR A 235 -3.10 -35.01 5.70
CA THR A 235 -4.52 -35.32 5.45
C THR A 235 -5.44 -34.13 5.34
N SER A 236 -5.18 -33.05 6.07
CA SER A 236 -5.96 -31.83 5.93
C SER A 236 -5.50 -31.08 4.69
N TYR A 237 -6.31 -30.14 4.25
CA TYR A 237 -5.93 -29.23 3.16
C TYR A 237 -5.58 -29.99 1.88
N ARG A 238 -6.34 -31.06 1.62
CA ARG A 238 -6.21 -31.88 0.41
C ARG A 238 -7.48 -31.74 -0.44
N VAL A 239 -7.32 -31.86 -1.74
CA VAL A 239 -8.43 -31.73 -2.69
C VAL A 239 -8.93 -33.12 -3.04
N HIS A 240 -10.16 -33.42 -2.65
CA HIS A 240 -10.74 -34.77 -2.90
C HIS A 240 -12.24 -34.67 -3.18
N ALA A 241 -12.85 -35.79 -3.58
CA ALA A 241 -14.31 -35.83 -3.81
C ALA A 241 -15.10 -35.77 -2.52
N LEU A 242 -16.37 -35.37 -2.63
CA LEU A 242 -17.30 -35.46 -1.49
C LEU A 242 -17.36 -36.88 -0.96
N GLY A 243 -17.30 -37.02 0.34
CA GLY A 243 -17.31 -38.34 0.97
C GLY A 243 -15.98 -39.08 1.04
N GLU A 244 -14.92 -38.52 0.43
CA GLU A 244 -13.57 -39.10 0.48
C GLU A 244 -12.80 -38.46 1.64
N LYS A 245 -11.94 -39.23 2.28
CA LYS A 245 -10.99 -38.70 3.26
C LYS A 245 -9.85 -38.02 2.52
N GLY A 246 -9.25 -37.03 3.16
CA GLY A 246 -8.00 -36.46 2.67
C GLY A 246 -6.85 -37.44 2.83
N SER A 247 -5.95 -37.46 1.85
CA SER A 247 -4.78 -38.33 1.89
C SER A 247 -3.67 -37.73 1.02
N PRO A 248 -2.42 -38.12 1.28
CA PRO A 248 -1.29 -37.37 0.68
C PRO A 248 -0.98 -37.66 -0.79
N ASP A 249 -1.71 -38.58 -1.41
CA ASP A 249 -1.66 -38.77 -2.86
C ASP A 249 -2.45 -37.69 -3.62
N GLN A 250 -3.33 -36.99 -2.90
CA GLN A 250 -4.20 -35.97 -3.50
C GLN A 250 -3.48 -34.63 -3.54
N PRO A 251 -3.93 -33.70 -4.42
CA PRO A 251 -3.31 -32.39 -4.45
C PRO A 251 -3.52 -31.66 -3.15
N SER A 252 -2.46 -31.01 -2.67
CA SER A 252 -2.57 -30.09 -1.56
C SER A 252 -3.01 -28.72 -2.08
N VAL A 253 -3.53 -27.89 -1.19
CA VAL A 253 -3.84 -26.49 -1.53
C VAL A 253 -2.55 -25.70 -1.53
N TRP A 254 -1.94 -25.60 -2.71
CA TRP A 254 -0.67 -24.95 -2.87
C TRP A 254 -0.89 -23.70 -3.73
N GLU A 255 -0.60 -23.78 -5.03
CA GLU A 255 -0.76 -22.62 -5.91
C GLU A 255 -2.24 -22.23 -5.97
N GLN A 256 -2.52 -20.92 -5.88
CA GLN A 256 -3.88 -20.36 -5.96
CA GLN A 256 -3.90 -20.52 -5.95
C GLN A 256 -4.34 -20.23 -7.39
N PRO A 257 -5.60 -20.59 -7.71
CA PRO A 257 -6.03 -20.44 -9.09
C PRO A 257 -6.48 -19.03 -9.42
N VAL A 258 -6.53 -18.74 -10.72
CA VAL A 258 -7.02 -17.46 -11.25
C VAL A 258 -8.40 -17.15 -10.65
N LYS A 259 -8.61 -15.91 -10.24
CA LYS A 259 -9.82 -15.57 -9.50
C LYS A 259 -10.10 -14.07 -9.55
N SER A 260 -11.37 -13.73 -9.39
CA SER A 260 -11.77 -12.33 -9.22
C SER A 260 -13.13 -12.29 -8.56
N TRP A 261 -13.47 -11.10 -8.12
CA TRP A 261 -14.86 -10.81 -7.72
C TRP A 261 -15.11 -9.32 -7.78
N ILE A 262 -16.38 -8.97 -7.87
CA ILE A 262 -16.85 -7.60 -7.86
C ILE A 262 -16.91 -7.14 -6.39
N THR A 263 -16.41 -5.94 -6.14
CA THR A 263 -16.46 -5.36 -4.79
C THR A 263 -17.36 -4.12 -4.66
N THR A 264 -17.60 -3.43 -5.77
CA THR A 264 -18.39 -2.21 -5.70
C THR A 264 -19.09 -1.91 -7.04
N PRO A 265 -20.29 -1.31 -7.02
CA PRO A 265 -21.03 -1.02 -5.80
C PRO A 265 -21.50 -2.34 -5.21
N HIS A 266 -21.42 -2.45 -3.89
CA HIS A 266 -21.71 -3.71 -3.20
C HIS A 266 -23.22 -3.98 -3.09
N GLU A 267 -24.04 -2.95 -3.33
CA GLU A 267 -25.47 -3.07 -3.19
C GLU A 267 -26.27 -2.16 -4.13
N ALA A 268 -25.88 -0.91 -4.29
CA ALA A 268 -26.82 0.09 -4.80
C ALA A 268 -26.19 1.19 -5.63
N ALA A 269 -27.01 1.77 -6.50
CA ALA A 269 -26.60 2.91 -7.32
C ALA A 269 -27.83 3.65 -7.83
N LYS A 270 -27.60 4.68 -8.64
CA LYS A 270 -28.68 5.48 -9.26
CA LYS A 270 -28.68 5.46 -9.25
C LYS A 270 -28.57 5.38 -10.77
N ALA A 271 -29.71 5.50 -11.47
CA ALA A 271 -29.71 5.31 -12.93
C ALA A 271 -28.77 6.27 -13.63
N GLY A 272 -28.08 5.75 -14.64
CA GLY A 272 -27.08 6.48 -15.37
C GLY A 272 -25.72 5.82 -15.22
N GLN A 273 -24.67 6.64 -15.20
CA GLN A 273 -23.30 6.12 -15.13
C GLN A 273 -22.98 5.52 -13.76
N VAL A 274 -22.43 4.31 -13.79
CA VAL A 274 -22.05 3.61 -12.57
C VAL A 274 -20.66 3.02 -12.79
N GLN A 275 -19.76 3.17 -11.81
CA GLN A 275 -18.44 2.57 -11.88
C GLN A 275 -18.46 1.24 -11.16
N ILE A 276 -18.23 0.17 -11.89
CA ILE A 276 -18.25 -1.18 -11.34
C ILE A 276 -16.79 -1.62 -11.18
N ALA A 277 -16.42 -2.05 -9.99
CA ALA A 277 -15.02 -2.40 -9.74
C ALA A 277 -14.88 -3.65 -8.90
N GLY A 278 -13.69 -4.23 -8.95
CA GLY A 278 -13.38 -5.43 -8.18
C GLY A 278 -11.90 -5.70 -8.19
N VAL A 279 -11.54 -6.90 -7.72
CA VAL A 279 -10.14 -7.34 -7.63
C VAL A 279 -9.95 -8.63 -8.43
N ALA A 280 -8.79 -8.79 -9.06
CA ALA A 280 -8.50 -9.94 -9.90
C ALA A 280 -7.03 -10.32 -9.78
N PHE A 281 -6.76 -11.62 -9.80
CA PHE A 281 -5.40 -12.15 -9.65
C PHE A 281 -5.25 -13.52 -10.30
N GLY A 282 -4.01 -13.85 -10.65
CA GLY A 282 -3.70 -15.13 -11.23
C GLY A 282 -2.87 -16.06 -10.38
N GLY A 283 -2.72 -15.76 -9.08
CA GLY A 283 -1.98 -16.65 -8.19
C GLY A 283 -0.50 -16.54 -8.38
N MET A 284 0.07 -17.53 -9.08
CA MET A 284 1.47 -17.50 -9.46
C MET A 284 1.71 -16.61 -10.68
N ASN A 285 0.65 -16.33 -11.42
CA ASN A 285 0.72 -15.58 -12.66
C ASN A 285 -0.01 -14.25 -12.54
N ALA A 286 0.44 -13.28 -13.32
CA ALA A 286 -0.27 -12.01 -13.44
C ALA A 286 -1.67 -12.22 -14.04
N CYS A 287 -2.61 -11.38 -13.62
CA CYS A 287 -3.88 -11.26 -14.30
C CYS A 287 -3.67 -10.45 -15.58
N LYS A 288 -4.04 -11.03 -16.69
CA LYS A 288 -3.86 -10.43 -18.01
C LYS A 288 -5.03 -9.53 -18.34
N SER A 289 -6.25 -9.98 -18.04
CA SER A 289 -7.45 -9.25 -18.40
C SER A 289 -8.65 -9.71 -17.61
N VAL A 290 -9.65 -8.83 -17.53
CA VAL A 290 -10.88 -9.11 -16.82
C VAL A 290 -12.04 -8.63 -17.67
N GLU A 291 -13.06 -9.47 -17.74
CA GLU A 291 -14.34 -9.12 -18.35
C GLU A 291 -15.38 -8.95 -17.25
N VAL A 292 -16.30 -8.01 -17.46
CA VAL A 292 -17.37 -7.74 -16.50
C VAL A 292 -18.70 -7.84 -17.23
N SER A 293 -19.67 -8.44 -16.56
CA SER A 293 -21.06 -8.54 -17.06
C SER A 293 -21.97 -7.95 -16.00
N VAL A 294 -22.99 -7.22 -16.44
CA VAL A 294 -24.01 -6.70 -15.52
C VAL A 294 -25.31 -7.50 -15.56
N ASP A 295 -25.33 -8.51 -16.44
CA ASP A 295 -26.55 -9.32 -16.62
C ASP A 295 -26.29 -10.79 -16.36
N GLY A 296 -25.47 -11.08 -15.35
CA GLY A 296 -25.28 -12.46 -14.91
C GLY A 296 -24.50 -13.33 -15.87
N GLY A 297 -23.76 -12.70 -16.76
CA GLY A 297 -22.87 -13.40 -17.67
C GLY A 297 -23.45 -13.68 -19.04
N GLN A 298 -24.56 -13.01 -19.39
CA GLN A 298 -25.12 -13.15 -20.73
C GLN A 298 -24.30 -12.35 -21.73
N THR A 299 -23.91 -11.12 -21.37
CA THR A 299 -23.02 -10.32 -22.22
C THR A 299 -21.87 -9.77 -21.37
N TRP A 300 -20.69 -9.71 -21.97
CA TRP A 300 -19.47 -9.31 -21.27
C TRP A 300 -18.83 -8.13 -21.96
N GLN A 301 -18.13 -7.32 -21.18
CA GLN A 301 -17.35 -6.22 -21.69
C GLN A 301 -15.99 -6.23 -21.00
N GLU A 302 -14.96 -5.78 -21.70
CA GLU A 302 -13.61 -5.74 -21.12
CA GLU A 302 -13.62 -5.73 -21.12
C GLU A 302 -13.51 -4.60 -20.11
N ALA A 303 -12.99 -4.89 -18.91
CA ALA A 303 -12.74 -3.90 -17.90
C ALA A 303 -11.31 -3.37 -18.05
N GLU A 304 -11.03 -2.26 -17.38
CA GLU A 304 -9.71 -1.63 -17.34
C GLU A 304 -9.07 -1.86 -16.00
N PHE A 305 -7.74 -2.04 -15.98
CA PHE A 305 -7.04 -2.05 -14.70
C PHE A 305 -6.89 -0.64 -14.12
N ILE A 306 -6.98 -0.56 -12.80
CA ILE A 306 -7.01 0.69 -12.04
C ILE A 306 -5.79 0.62 -11.12
N GLY A 307 -5.01 1.68 -11.03
CA GLY A 307 -3.88 1.71 -10.07
C GLY A 307 -2.65 0.98 -10.54
N PRO A 308 -1.56 1.07 -9.74
CA PRO A 308 -0.31 0.46 -10.12
C PRO A 308 -0.34 -1.07 -10.10
N ASP A 309 0.54 -1.66 -10.89
CA ASP A 309 0.75 -3.10 -10.94
C ASP A 309 1.80 -3.48 -9.87
N LEU A 310 1.35 -4.16 -8.83
CA LEU A 310 2.26 -4.61 -7.75
C LEU A 310 2.88 -5.98 -7.98
N GLY A 311 2.81 -6.49 -9.19
CA GLY A 311 3.48 -7.73 -9.56
C GLY A 311 2.57 -8.94 -9.58
N ARG A 312 3.13 -10.04 -10.04
CA ARG A 312 2.36 -11.22 -10.41
C ARG A 312 1.64 -11.90 -9.26
N PHE A 313 2.15 -11.73 -8.04
CA PHE A 313 1.53 -12.37 -6.87
C PHE A 313 0.44 -11.52 -6.21
N ALA A 314 0.31 -10.26 -6.62
CA ALA A 314 -0.67 -9.33 -6.07
C ALA A 314 -1.97 -9.42 -6.86
N TRP A 315 -2.96 -8.60 -6.50
CA TRP A 315 -4.15 -8.48 -7.31
C TRP A 315 -4.21 -7.11 -7.94
N ARG A 316 -4.92 -7.01 -9.06
CA ARG A 316 -5.21 -5.75 -9.69
C ARG A 316 -6.63 -5.34 -9.32
N VAL A 317 -6.84 -4.04 -9.18
CA VAL A 317 -8.19 -3.48 -9.20
C VAL A 317 -8.57 -3.33 -10.67
N PHE A 318 -9.82 -3.63 -10.99
CA PHE A 318 -10.34 -3.41 -12.33
C PHE A 318 -11.63 -2.63 -12.23
N ALA A 319 -12.01 -1.99 -13.31
CA ALA A 319 -13.25 -1.20 -13.32
C ALA A 319 -13.85 -1.14 -14.71
N LEU A 320 -15.18 -1.15 -14.73
CA LEU A 320 -15.97 -0.95 -15.96
C LEU A 320 -16.93 0.20 -15.67
N SER A 321 -16.97 1.19 -16.55
CA SER A 321 -18.00 2.21 -16.52
C SER A 321 -19.20 1.70 -17.35
N ALA A 322 -20.38 1.74 -16.76
CA ALA A 322 -21.61 1.28 -17.44
C ALA A 322 -22.70 2.31 -17.24
N ASP A 323 -23.59 2.43 -18.23
CA ASP A 323 -24.74 3.32 -18.15
C ASP A 323 -25.96 2.41 -17.99
N LEU A 324 -26.61 2.50 -16.84
CA LEU A 324 -27.63 1.52 -16.45
C LEU A 324 -28.98 2.19 -16.21
N ALA A 325 -30.05 1.57 -16.69
CA ALA A 325 -31.39 1.98 -16.32
C ALA A 325 -31.72 1.48 -14.92
N ARG A 326 -32.78 2.05 -14.36
CA ARG A 326 -33.35 1.55 -13.12
CA ARG A 326 -33.34 1.54 -13.13
C ARG A 326 -33.63 0.05 -13.29
N GLY A 327 -33.24 -0.75 -12.30
CA GLY A 327 -33.39 -2.20 -12.36
C GLY A 327 -32.51 -2.89 -11.34
N THR A 328 -32.54 -4.22 -11.36
CA THR A 328 -31.72 -5.04 -10.47
C THR A 328 -30.76 -5.90 -11.29
N TYR A 329 -29.48 -5.54 -11.22
CA TYR A 329 -28.42 -6.12 -12.06
C TYR A 329 -27.71 -7.23 -11.31
N THR A 330 -27.08 -8.10 -12.07
CA THR A 330 -26.30 -9.21 -11.53
C THR A 330 -24.86 -9.06 -12.03
N LEU A 331 -24.01 -8.53 -11.16
CA LEU A 331 -22.65 -8.16 -11.52
C LEU A 331 -21.70 -9.34 -11.30
N VAL A 332 -20.99 -9.72 -12.35
CA VAL A 332 -19.96 -10.80 -12.29
C VAL A 332 -18.72 -10.39 -13.07
N SER A 333 -17.59 -11.01 -12.72
CA SER A 333 -16.31 -10.73 -13.34
C SER A 333 -15.61 -12.03 -13.67
N ARG A 334 -14.89 -12.03 -14.79
CA ARG A 334 -14.21 -13.24 -15.26
C ARG A 334 -12.80 -12.87 -15.64
N ALA A 335 -11.84 -13.36 -14.87
CA ALA A 335 -10.42 -13.06 -15.08
C ALA A 335 -9.68 -14.15 -15.86
N THR A 336 -8.71 -13.73 -16.65
CA THR A 336 -7.77 -14.60 -17.35
C THR A 336 -6.34 -14.22 -16.93
N ASP A 337 -5.50 -15.23 -16.67
CA ASP A 337 -4.10 -14.97 -16.33
C ASP A 337 -3.19 -15.02 -17.58
N THR A 338 -1.89 -14.78 -17.39
CA THR A 338 -0.95 -14.71 -18.53
C THR A 338 -0.65 -16.06 -19.18
N GLU A 339 -1.04 -17.15 -18.54
CA GLU A 339 -0.99 -18.49 -19.13
C GLU A 339 -2.29 -18.94 -19.80
N GLY A 340 -3.27 -18.05 -19.91
CA GLY A 340 -4.57 -18.36 -20.50
C GLY A 340 -5.54 -19.12 -19.59
N ASN A 341 -5.21 -19.29 -18.31
CA ASN A 341 -6.19 -19.85 -17.38
C ASN A 341 -7.30 -18.83 -17.16
N VAL A 342 -8.55 -19.28 -17.24
CA VAL A 342 -9.70 -18.41 -17.09
CA VAL A 342 -9.74 -18.43 -17.12
C VAL A 342 -10.64 -18.99 -16.03
N GLN A 343 -11.28 -18.13 -15.26
CA GLN A 343 -12.23 -18.64 -14.28
C GLN A 343 -13.37 -19.39 -14.98
N PRO A 344 -13.76 -20.54 -14.43
CA PRO A 344 -14.97 -21.22 -14.91
C PRO A 344 -16.23 -20.57 -14.32
N GLU A 345 -17.39 -20.88 -14.88
CA GLU A 345 -18.66 -20.43 -14.30
C GLU A 345 -18.86 -20.95 -12.87
N GLU A 346 -18.60 -22.24 -12.68
CA GLU A 346 -18.67 -22.87 -11.36
CA GLU A 346 -18.71 -22.93 -11.39
C GLU A 346 -17.45 -23.79 -11.23
N THR A 347 -16.96 -23.91 -10.01
CA THR A 347 -15.76 -24.71 -9.73
C THR A 347 -16.19 -26.15 -9.43
N GLU A 348 -15.46 -27.12 -9.98
CA GLU A 348 -15.70 -28.54 -9.66
C GLU A 348 -15.76 -28.74 -8.14
N MET A 349 -16.76 -29.48 -7.66
CA MET A 349 -16.89 -29.80 -6.23
C MET A 349 -15.65 -30.52 -5.70
N ASN A 350 -15.26 -30.18 -4.47
CA ASN A 350 -14.32 -31.01 -3.71
C ASN A 350 -14.85 -31.01 -2.28
N GLY A 351 -14.59 -32.10 -1.58
CA GLY A 351 -15.29 -32.38 -0.34
C GLY A 351 -15.10 -31.41 0.81
N ALA A 352 -13.91 -30.81 0.92
CA ALA A 352 -13.65 -29.87 1.99
C ALA A 352 -13.93 -28.42 1.55
N GLY A 353 -14.28 -28.22 0.29
CA GLY A 353 -14.69 -26.91 -0.21
C GLY A 353 -13.56 -25.91 -0.30
N TYR A 354 -12.43 -26.34 -0.84
CA TYR A 354 -11.25 -25.50 -1.06
C TYR A 354 -11.18 -24.93 -2.47
N GLY A 355 -10.62 -23.73 -2.60
CA GLY A 355 -10.20 -23.25 -3.92
C GLY A 355 -11.27 -22.76 -4.86
N HIS A 356 -12.43 -22.36 -4.34
CA HIS A 356 -13.51 -21.86 -5.20
C HIS A 356 -12.98 -20.70 -6.06
N ASN A 357 -13.26 -20.72 -7.36
CA ASN A 357 -12.90 -19.61 -8.24
C ASN A 357 -13.88 -19.33 -9.37
N GLY A 358 -15.11 -19.76 -9.18
CA GLY A 358 -16.16 -19.59 -10.17
C GLY A 358 -16.63 -18.16 -10.22
N TRP A 359 -17.11 -17.74 -11.39
CA TRP A 359 -17.63 -16.39 -11.55
C TRP A 359 -19.11 -16.18 -11.23
N ARG A 360 -19.93 -17.23 -11.25
CA ARG A 360 -21.38 -17.02 -11.08
CA ARG A 360 -21.37 -17.04 -11.08
C ARG A 360 -21.73 -16.84 -9.62
N ALA A 361 -21.20 -17.68 -8.76
CA ALA A 361 -21.62 -17.68 -7.35
C ALA A 361 -21.34 -16.37 -6.59
N PRO A 362 -20.18 -15.71 -6.84
CA PRO A 362 -19.93 -14.47 -6.09
C PRO A 362 -20.58 -13.21 -6.67
N ALA A 363 -21.54 -13.38 -7.57
CA ALA A 363 -22.24 -12.24 -8.17
C ALA A 363 -22.76 -11.23 -7.16
N VAL A 364 -22.70 -9.95 -7.52
CA VAL A 364 -23.27 -8.87 -6.68
C VAL A 364 -24.61 -8.45 -7.28
N LYS A 365 -25.65 -8.43 -6.45
CA LYS A 365 -26.96 -7.90 -6.84
C LYS A 365 -26.88 -6.40 -6.68
N LEU A 366 -27.00 -5.67 -7.78
CA LEU A 366 -26.94 -4.22 -7.76
C LEU A 366 -28.34 -3.64 -8.03
N THR A 367 -28.91 -2.97 -7.03
CA THR A 367 -30.20 -2.28 -7.21
C THR A 367 -29.94 -0.82 -7.61
N VAL A 368 -30.37 -0.49 -8.82
CA VAL A 368 -30.19 0.82 -9.40
C VAL A 368 -31.53 1.55 -9.30
N ALA A 369 -31.50 2.67 -8.59
CA ALA A 369 -32.71 3.41 -8.30
C ALA A 369 -33.01 4.42 -9.40
N LYS B 25 -1.49 21.92 16.03
CA LYS B 25 -1.20 20.46 16.15
C LYS B 25 -0.46 20.01 14.90
N THR B 26 0.84 19.69 15.04
CA THR B 26 1.61 19.06 13.96
C THR B 26 1.95 17.67 14.42
N LEU B 27 2.20 16.78 13.46
CA LEU B 27 2.73 15.45 13.76
C LEU B 27 3.83 15.23 12.75
N GLU B 28 5.03 14.91 13.24
CA GLU B 28 6.17 14.55 12.38
C GLU B 28 6.49 13.06 12.55
N THR B 29 6.66 12.36 11.44
CA THR B 29 6.96 10.94 11.45
C THR B 29 8.41 10.72 11.91
N LYS B 30 8.64 9.75 12.80
CA LYS B 30 10.01 9.38 13.16
C LYS B 30 10.63 8.56 12.04
N ARG B 31 11.96 8.67 11.82
CA ARG B 31 12.65 7.82 10.82
C ARG B 31 12.41 6.35 10.99
N SER B 32 12.32 5.92 12.26
CA SER B 32 12.03 4.53 12.59
C SER B 32 10.63 4.08 12.22
N GLU B 33 9.73 5.02 11.90
CA GLU B 33 8.35 4.72 11.63
C GLU B 33 7.97 4.71 10.15
N PHE B 34 8.90 4.99 9.24
CA PHE B 34 8.51 4.96 7.81
C PHE B 34 8.23 3.56 7.32
N GLY B 35 8.90 2.57 7.91
CA GLY B 35 8.85 1.20 7.40
C GLY B 35 9.57 1.06 6.06
N THR B 36 9.54 -0.14 5.51
CA THR B 36 10.17 -0.43 4.21
C THR B 36 9.18 -1.08 3.24
N SER B 37 7.89 -0.80 3.45
CA SER B 37 6.82 -1.29 2.58
C SER B 37 6.37 -0.26 1.54
N ILE B 38 7.17 0.81 1.37
CA ILE B 38 6.86 1.97 0.51
CA ILE B 38 6.87 1.97 0.53
C ILE B 38 5.79 2.84 1.16
N ILE B 39 4.59 2.27 1.31
CA ILE B 39 3.45 2.97 1.82
CA ILE B 39 3.46 3.01 1.82
C ILE B 39 3.63 3.37 3.30
N THR B 40 3.31 4.61 3.60
CA THR B 40 3.39 5.14 4.94
C THR B 40 2.06 4.85 5.65
N PRO B 41 2.10 4.19 6.81
CA PRO B 41 0.82 3.94 7.48
C PRO B 41 0.05 5.24 7.81
N GLU B 42 -1.27 5.20 7.65
CA GLU B 42 -2.12 6.36 7.87
C GLU B 42 -1.94 6.95 9.27
N GLU B 43 -1.80 6.08 10.28
CA GLU B 43 -1.67 6.60 11.65
C GLU B 43 -0.29 7.23 11.96
N LYS B 44 0.70 6.96 11.12
CA LYS B 44 2.03 7.55 11.24
C LYS B 44 2.24 8.77 10.34
N LEU B 45 1.37 8.96 9.35
CA LEU B 45 1.51 10.02 8.34
C LEU B 45 1.48 11.39 9.00
N TYR B 46 2.40 12.27 8.63
CA TYR B 46 2.50 13.59 9.25
C TYR B 46 1.21 14.39 9.09
N ILE B 47 1.02 15.34 10.00
CA ILE B 47 -0.14 16.20 9.97
C ILE B 47 0.34 17.65 10.00
N LYS B 48 -0.22 18.47 9.13
CA LYS B 48 0.04 19.91 9.13
CA LYS B 48 0.05 19.91 9.09
C LYS B 48 -1.21 20.61 8.62
N ASN B 49 -1.65 21.61 9.39
CA ASN B 49 -2.72 22.49 8.99
C ASN B 49 -2.31 23.94 9.14
N ASN B 50 -2.87 24.77 8.27
CA ASN B 50 -2.64 26.22 8.31
C ASN B 50 -3.63 26.94 9.24
N VAL B 51 -4.80 26.34 9.44
CA VAL B 51 -5.86 26.89 10.29
C VAL B 51 -6.45 25.74 11.11
N ASN B 52 -7.44 26.02 11.96
CA ASN B 52 -8.07 24.92 12.72
C ASN B 52 -8.80 23.94 11.82
N THR B 53 -8.87 22.71 12.30
CA THR B 53 -9.51 21.60 11.59
CA THR B 53 -9.53 21.64 11.56
C THR B 53 -11.03 21.75 11.68
N PRO B 54 -11.77 21.42 10.59
CA PRO B 54 -13.23 21.43 10.73
C PRO B 54 -13.69 20.34 11.71
N PRO B 55 -14.96 20.39 12.12
CA PRO B 55 -15.41 19.37 13.08
C PRO B 55 -15.59 17.99 12.44
N GLU B 56 -15.46 16.95 13.26
CA GLU B 56 -15.61 15.55 12.83
CA GLU B 56 -15.63 15.54 12.88
C GLU B 56 -16.95 15.28 12.13
N SER B 57 -17.97 16.09 12.44
CA SER B 57 -19.29 15.94 11.84
C SER B 57 -19.35 16.09 10.32
N ILE B 58 -18.33 16.71 9.70
CA ILE B 58 -18.30 16.73 8.22
C ILE B 58 -18.14 15.34 7.60
N LEU B 59 -17.71 14.35 8.38
CA LEU B 59 -17.61 12.94 7.91
C LEU B 59 -18.85 12.09 8.13
N ALA B 60 -19.86 12.64 8.80
CA ALA B 60 -21.11 11.93 9.07
C ALA B 60 -21.81 11.51 7.78
N ASP B 61 -21.80 12.38 6.78
CA ASP B 61 -22.41 12.11 5.50
C ASP B 61 -21.41 12.44 4.39
N ARG B 62 -20.44 11.55 4.23
CA ARG B 62 -19.38 11.73 3.21
C ARG B 62 -19.94 11.94 1.83
N ASP B 63 -20.89 11.09 1.43
CA ASP B 63 -21.45 11.12 0.09
C ASP B 63 -22.28 12.37 -0.23
N GLY B 64 -22.76 13.06 0.81
CA GLY B 64 -23.47 14.34 0.64
C GLY B 64 -22.61 15.59 0.59
N TRP B 65 -21.31 15.45 0.83
CA TRP B 65 -20.37 16.59 0.74
C TRP B 65 -20.41 17.17 -0.67
N LYS B 66 -20.52 18.50 -0.75
CA LYS B 66 -20.72 19.20 -2.02
C LYS B 66 -19.47 19.92 -2.46
N VAL B 67 -19.21 19.84 -3.77
CA VAL B 67 -18.07 20.52 -4.38
CA VAL B 67 -18.08 20.54 -4.36
C VAL B 67 -18.59 21.34 -5.56
N GLU B 68 -18.36 22.64 -5.51
CA GLU B 68 -18.71 23.54 -6.57
C GLU B 68 -17.63 23.50 -7.65
N ILE B 69 -18.02 23.10 -8.86
CA ILE B 69 -17.10 23.05 -9.99
C ILE B 69 -17.43 24.23 -10.91
N SER B 70 -16.44 25.09 -11.14
CA SER B 70 -16.63 26.27 -12.01
C SER B 70 -15.48 26.45 -12.97
N GLY B 71 -15.63 27.39 -13.90
CA GLY B 71 -14.66 27.57 -14.96
C GLY B 71 -14.70 26.47 -15.99
N VAL B 72 -15.86 25.83 -16.10
CA VAL B 72 -16.16 24.79 -17.04
C VAL B 72 -17.36 25.25 -17.86
N LYS B 73 -17.62 24.57 -18.96
CA LYS B 73 -18.72 25.02 -19.83
C LYS B 73 -20.08 24.91 -19.19
N GLU B 74 -20.28 23.93 -18.31
CA GLU B 74 -21.55 23.74 -17.62
C GLU B 74 -21.31 23.64 -16.12
N PRO B 75 -21.11 24.79 -15.45
CA PRO B 75 -20.76 24.76 -14.04
C PRO B 75 -21.88 24.26 -13.15
N ARG B 76 -21.52 23.48 -12.13
CA ARG B 76 -22.49 23.01 -11.16
C ARG B 76 -21.83 22.51 -9.91
N THR B 77 -22.65 22.30 -8.90
CA THR B 77 -22.23 21.72 -7.66
C THR B 77 -22.56 20.23 -7.71
N LEU B 78 -21.54 19.40 -7.45
CA LEU B 78 -21.67 17.95 -7.41
C LEU B 78 -21.40 17.43 -6.01
N THR B 79 -22.16 16.42 -5.59
CA THR B 79 -21.87 15.71 -4.36
C THR B 79 -20.82 14.66 -4.62
N VAL B 80 -20.21 14.20 -3.54
CA VAL B 80 -19.28 13.08 -3.57
C VAL B 80 -19.96 11.84 -4.22
N ALA B 81 -21.23 11.59 -3.90
CA ALA B 81 -21.94 10.49 -4.54
C ALA B 81 -21.95 10.62 -6.08
N GLU B 82 -22.21 11.83 -6.56
CA GLU B 82 -22.20 12.10 -7.98
C GLU B 82 -20.80 12.00 -8.55
N LEU B 83 -19.80 12.52 -7.83
CA LEU B 83 -18.40 12.38 -8.27
C LEU B 83 -18.01 10.91 -8.46
N LYS B 84 -18.47 10.07 -7.56
CA LYS B 84 -18.20 8.63 -7.64
C LYS B 84 -18.76 7.92 -8.87
N THR B 85 -19.72 8.52 -9.55
CA THR B 85 -20.25 7.97 -10.80
C THR B 85 -19.37 8.23 -12.02
N LEU B 86 -18.51 9.26 -11.94
CA LEU B 86 -17.87 9.80 -13.12
C LEU B 86 -16.54 9.15 -13.54
N GLY B 87 -15.95 8.38 -12.64
CA GLY B 87 -14.67 7.74 -12.93
C GLY B 87 -14.05 7.13 -11.71
N LEU B 88 -12.95 6.44 -11.91
CA LEU B 88 -12.20 5.85 -10.80
C LEU B 88 -10.74 5.81 -11.17
N VAL B 89 -9.89 6.34 -10.29
CA VAL B 89 -8.45 6.33 -10.47
C VAL B 89 -7.81 6.04 -9.13
N THR B 90 -6.69 5.35 -9.17
CA THR B 90 -5.91 5.04 -8.00
C THR B 90 -4.47 5.36 -8.33
N ALA B 91 -3.80 6.14 -7.47
CA ALA B 91 -2.41 6.50 -7.69
C ALA B 91 -1.70 6.82 -6.40
N ALA B 92 -0.42 6.43 -6.35
CA ALA B 92 0.45 6.75 -5.23
C ALA B 92 1.17 8.06 -5.48
N THR B 93 1.28 8.89 -4.44
CA THR B 93 2.08 10.10 -4.51
C THR B 93 2.89 10.25 -3.21
N VAL B 94 3.87 11.14 -3.27
CA VAL B 94 4.58 11.58 -2.08
C VAL B 94 3.91 12.87 -1.61
N LEU B 95 3.30 12.82 -0.43
CA LEU B 95 2.68 13.96 0.22
C LEU B 95 3.79 14.49 1.13
N GLN B 96 4.27 15.68 0.86
CA GLN B 96 5.40 16.23 1.65
C GLN B 96 5.22 17.71 1.83
N CYS B 97 5.33 18.17 3.06
CA CYS B 97 5.19 19.60 3.28
C CYS B 97 6.34 20.35 2.62
N SER B 98 6.06 21.54 2.08
CA SER B 98 7.14 22.43 1.60
C SER B 98 8.16 22.70 2.70
N GLY B 99 7.72 22.67 3.95
CA GLY B 99 8.62 22.91 5.08
C GLY B 99 9.48 21.72 5.48
N ASN B 100 9.22 20.53 4.93
CA ASN B 100 10.07 19.38 5.33
C ASN B 100 11.55 19.72 5.09
N GLY B 101 12.38 19.53 6.11
CA GLY B 101 13.77 19.94 6.06
C GLY B 101 14.08 21.36 6.49
N ARG B 102 13.08 22.10 6.97
CA ARG B 102 13.33 23.48 7.40
C ARG B 102 14.44 23.59 8.45
N LYS B 103 14.50 22.62 9.39
CA LYS B 103 15.57 22.56 10.41
C LYS B 103 16.97 22.75 9.81
N TYR B 104 17.18 22.16 8.64
CA TYR B 104 18.46 22.19 7.97
C TYR B 104 18.78 23.56 7.41
N PHE B 105 17.77 24.30 6.97
CA PHE B 105 17.99 25.73 6.67
C PHE B 105 18.28 26.54 7.95
N LYS B 106 17.56 26.31 9.03
CA LYS B 106 17.78 27.08 10.27
C LYS B 106 19.20 26.84 10.78
N ASP B 107 19.71 25.61 10.61
CA ASP B 107 21.09 25.30 11.01
C ASP B 107 22.16 26.09 10.26
N GLN B 108 21.85 26.60 9.07
CA GLN B 108 22.78 27.39 8.28
C GLN B 108 22.72 28.89 8.54
N LEU B 109 21.81 29.35 9.39
CA LEU B 109 21.72 30.78 9.71
C LEU B 109 22.94 31.20 10.52
N THR B 110 23.41 32.42 10.28
CA THR B 110 24.56 33.00 11.00
C THR B 110 24.20 34.38 11.49
N GLY B 111 24.83 34.77 12.59
CA GLY B 111 24.73 36.13 13.11
C GLY B 111 23.35 36.48 13.60
N ASP B 112 22.78 37.53 13.04
CA ASP B 112 21.45 38.01 13.42
C ASP B 112 20.31 37.34 12.65
N GLN B 113 20.64 36.49 11.67
CA GLN B 113 19.62 35.91 10.78
C GLN B 113 18.62 35.02 11.53
N LYS B 114 17.34 35.14 11.16
CA LYS B 114 16.29 34.40 11.82
C LYS B 114 15.40 33.74 10.77
N MET B 115 14.71 32.68 11.19
CA MET B 115 13.72 32.01 10.35
C MET B 115 12.67 31.38 11.25
N SER B 116 11.43 31.81 11.07
CA SER B 116 10.31 31.24 11.79
C SER B 116 9.84 29.95 11.08
N GLY B 117 8.91 29.27 11.73
CA GLY B 117 8.23 28.11 11.14
C GLY B 117 8.68 26.80 11.72
N THR B 118 7.88 25.77 11.45
CA THR B 118 8.09 24.45 12.03
C THR B 118 9.43 23.86 11.59
N PRO B 119 10.29 23.45 12.56
CA PRO B 119 11.62 22.97 12.22
C PRO B 119 11.66 21.48 11.86
N TRP B 120 10.87 21.10 10.86
CA TRP B 120 10.83 19.72 10.41
C TRP B 120 12.22 19.26 9.96
N THR B 121 12.54 17.98 10.20
CA THR B 121 13.76 17.38 9.67
C THR B 121 13.38 16.63 8.41
N VAL B 122 13.01 15.36 8.51
CA VAL B 122 12.55 14.57 7.34
C VAL B 122 11.16 14.00 7.48
N GLY B 123 10.51 14.19 8.63
CA GLY B 123 9.27 13.48 8.91
C GLY B 123 7.98 14.07 8.41
N ALA B 124 8.04 15.20 7.71
CA ALA B 124 6.84 15.77 7.08
C ALA B 124 6.70 15.29 5.64
N ALA B 125 6.67 13.97 5.48
CA ALA B 125 6.54 13.33 4.17
C ALA B 125 6.05 11.93 4.34
N GLY B 126 5.20 11.48 3.41
CA GLY B 126 4.81 10.07 3.34
C GLY B 126 4.44 9.72 1.91
N CYS B 127 4.44 8.42 1.63
CA CYS B 127 3.98 7.93 0.33
C CYS B 127 2.68 7.17 0.57
N VAL B 128 1.61 7.62 -0.06
CA VAL B 128 0.29 7.03 0.16
C VAL B 128 -0.41 6.76 -1.15
N ILE B 129 -1.35 5.83 -1.13
CA ILE B 129 -2.15 5.51 -2.30
C ILE B 129 -3.49 6.22 -2.14
N TRP B 130 -3.84 7.06 -3.12
CA TRP B 130 -5.14 7.70 -3.16
C TRP B 130 -6.08 6.98 -4.10
N SER B 131 -7.38 7.06 -3.81
CA SER B 131 -8.35 6.64 -4.79
C SER B 131 -9.52 7.61 -4.83
N GLY B 132 -9.97 7.88 -6.04
CA GLY B 132 -11.04 8.85 -6.24
C GLY B 132 -11.39 8.96 -7.70
N VAL B 133 -11.79 10.19 -8.09
CA VAL B 133 -12.17 10.45 -9.49
C VAL B 133 -11.16 11.38 -10.13
N PRO B 134 -10.75 11.11 -11.40
CA PRO B 134 -9.84 12.06 -12.02
C PRO B 134 -10.55 13.38 -12.24
N LEU B 135 -9.90 14.48 -11.90
CA LEU B 135 -10.49 15.80 -12.19
C LEU B 135 -10.82 15.96 -13.68
N LYS B 136 -10.02 15.38 -14.56
CA LYS B 136 -10.29 15.40 -15.99
C LYS B 136 -11.69 14.85 -16.32
N ALA B 137 -12.08 13.75 -15.68
CA ALA B 137 -13.41 13.18 -15.91
C ALA B 137 -14.53 14.10 -15.43
N VAL B 138 -14.30 14.77 -14.31
CA VAL B 138 -15.26 15.74 -13.78
C VAL B 138 -15.42 16.90 -14.76
N VAL B 139 -14.29 17.48 -15.15
CA VAL B 139 -14.29 18.57 -16.13
C VAL B 139 -14.93 18.18 -17.48
N ASP B 140 -14.57 17.01 -18.01
CA ASP B 140 -15.15 16.51 -19.28
C ASP B 140 -16.67 16.34 -19.17
N ALA B 141 -17.15 15.88 -18.03
CA ALA B 141 -18.58 15.67 -17.81
C ALA B 141 -19.36 16.97 -17.81
N LEU B 142 -18.69 18.07 -17.42
CA LEU B 142 -19.29 19.39 -17.40
C LEU B 142 -18.90 20.22 -18.63
N GLY B 143 -18.53 19.54 -19.72
CA GLY B 143 -18.29 20.18 -21.03
C GLY B 143 -16.90 20.71 -21.28
N GLY B 144 -15.98 20.40 -20.37
CA GLY B 144 -14.58 20.83 -20.53
C GLY B 144 -14.33 22.19 -19.89
N PRO B 145 -13.05 22.58 -19.77
CA PRO B 145 -12.74 23.88 -19.19
C PRO B 145 -13.20 25.03 -20.08
N ALA B 146 -13.56 26.14 -19.45
CA ALA B 146 -13.90 27.34 -20.19
C ALA B 146 -12.70 27.80 -21.00
N GLU B 147 -12.98 28.39 -22.15
CA GLU B 147 -11.90 28.91 -22.98
C GLU B 147 -11.11 29.90 -22.14
N GLY B 148 -9.79 29.78 -22.21
CA GLY B 148 -8.90 30.69 -21.48
C GLY B 148 -8.51 30.28 -20.07
N ALA B 149 -9.05 29.17 -19.57
CA ALA B 149 -8.65 28.71 -18.23
C ALA B 149 -7.16 28.36 -18.22
N ARG B 150 -6.49 28.79 -17.17
CA ARG B 150 -5.05 28.60 -17.00
C ARG B 150 -4.59 27.90 -15.73
N PHE B 151 -5.47 27.84 -14.74
CA PHE B 151 -5.18 27.28 -13.41
C PHE B 151 -6.30 26.41 -12.91
N ILE B 152 -5.91 25.49 -12.02
CA ILE B 152 -6.83 24.73 -11.21
C ILE B 152 -6.75 25.29 -9.79
N THR B 153 -7.87 25.79 -9.27
CA THR B 153 -7.91 26.53 -8.00
C THR B 153 -8.85 25.80 -7.07
N GLY B 154 -8.30 25.28 -5.97
CA GLY B 154 -9.06 24.51 -5.00
C GLY B 154 -9.21 25.26 -3.71
N THR B 155 -10.43 25.22 -3.15
CA THR B 155 -10.76 25.92 -1.91
C THR B 155 -11.07 24.95 -0.79
N GLY B 156 -10.34 25.07 0.32
CA GLY B 156 -10.58 24.28 1.51
C GLY B 156 -11.93 24.55 2.14
N GLY B 157 -12.45 23.54 2.83
CA GLY B 157 -13.78 23.58 3.38
C GLY B 157 -13.92 24.15 4.77
N GLU B 158 -12.84 24.70 5.34
CA GLU B 158 -12.91 25.26 6.69
C GLU B 158 -13.89 26.46 6.75
N GLU B 159 -14.55 26.60 7.88
CA GLU B 159 -15.37 27.81 8.10
C GLU B 159 -14.45 29.01 8.40
N LEU B 160 -14.76 30.14 7.81
CA LEU B 160 -13.97 31.39 7.99
C LEU B 160 -14.68 32.34 8.96
N PRO B 161 -13.92 33.17 9.70
CA PRO B 161 -14.60 34.11 10.63
C PRO B 161 -15.51 35.11 9.91
N ALA B 162 -16.77 35.18 10.35
CA ALA B 162 -17.80 36.02 9.72
C ALA B 162 -17.40 37.51 9.68
N GLY B 163 -17.54 38.13 8.52
CA GLY B 163 -17.27 39.57 8.33
C GLY B 163 -15.80 40.00 8.39
N LEU B 164 -14.87 39.06 8.39
CA LEU B 164 -13.45 39.40 8.28
C LEU B 164 -12.99 39.05 6.86
N ASP B 165 -11.91 39.69 6.41
CA ASP B 165 -11.47 39.55 5.01
C ASP B 165 -11.06 38.09 4.78
N PRO B 166 -11.86 37.34 4.01
CA PRO B 166 -11.59 35.90 3.86
C PRO B 166 -10.25 35.60 3.18
N LYS B 167 -9.75 36.52 2.36
CA LYS B 167 -8.44 36.33 1.71
C LYS B 167 -7.28 36.13 2.67
N LEU B 168 -7.40 36.65 3.88
CA LEU B 168 -6.33 36.55 4.85
C LEU B 168 -6.15 35.17 5.43
N LEU B 169 -7.21 34.36 5.45
CA LEU B 169 -7.19 33.07 6.12
C LEU B 169 -7.56 31.87 5.26
N VAL B 170 -8.29 32.06 4.16
CA VAL B 170 -8.76 30.92 3.39
C VAL B 170 -7.59 30.08 2.89
N VAL B 171 -7.72 28.76 3.00
CA VAL B 171 -6.77 27.84 2.40
C VAL B 171 -7.26 27.54 0.99
N GLU B 172 -6.72 28.30 0.04
CA GLU B 172 -7.10 28.25 -1.37
C GLU B 172 -5.81 28.33 -2.16
N ARG B 173 -5.61 27.36 -3.06
CA ARG B 173 -4.37 27.27 -3.84
C ARG B 173 -4.68 27.08 -5.32
N SER B 174 -3.79 27.62 -6.14
CA SER B 174 -3.87 27.50 -7.59
C SER B 174 -2.59 26.82 -8.10
N VAL B 175 -2.80 25.87 -9.01
CA VAL B 175 -1.73 25.20 -9.71
C VAL B 175 -1.99 25.34 -11.21
N PRO B 176 -0.93 25.26 -12.05
CA PRO B 176 -1.16 25.30 -13.50
C PRO B 176 -2.14 24.26 -14.01
N ILE B 177 -2.95 24.62 -14.99
CA ILE B 177 -3.94 23.70 -15.56
C ILE B 177 -3.29 22.53 -16.33
N SER B 178 -1.99 22.63 -16.64
CA SER B 178 -1.23 21.51 -17.17
C SER B 178 -1.32 20.27 -16.25
N ASN B 179 -1.63 20.47 -14.97
CA ASN B 179 -1.83 19.34 -14.05
C ASN B 179 -3.14 18.61 -14.18
N LEU B 180 -4.05 19.07 -15.04
CA LEU B 180 -5.40 18.53 -15.09
C LEU B 180 -5.47 17.02 -15.16
N ASP B 181 -4.69 16.40 -16.04
CA ASP B 181 -4.76 14.95 -16.22
C ASP B 181 -4.25 14.14 -15.02
N ASN B 182 -3.55 14.78 -14.07
CA ASN B 182 -3.01 14.10 -12.91
C ASN B 182 -3.85 14.30 -11.66
N VAL B 183 -4.63 15.39 -11.62
CA VAL B 183 -5.31 15.74 -10.35
C VAL B 183 -6.43 14.73 -10.06
N ILE B 184 -6.54 14.35 -8.78
CA ILE B 184 -7.54 13.42 -8.30
C ILE B 184 -8.33 14.11 -7.21
N LEU B 185 -9.66 13.99 -7.26
CA LEU B 185 -10.51 14.30 -6.13
C LEU B 185 -10.70 12.99 -5.39
N ALA B 186 -9.99 12.85 -4.28
CA ALA B 186 -9.82 11.58 -3.56
C ALA B 186 -10.74 11.48 -2.35
N TRP B 187 -11.48 10.39 -2.26
CA TRP B 187 -12.28 10.07 -1.04
C TRP B 187 -11.66 8.97 -0.16
N GLU B 188 -10.57 8.40 -0.63
CA GLU B 188 -9.95 7.23 -0.02
C GLU B 188 -8.45 7.37 -0.07
N MET B 189 -7.81 6.91 1.02
CA MET B 189 -6.37 6.80 1.09
CA MET B 189 -6.34 6.84 1.15
C MET B 189 -5.99 5.47 1.75
N ASN B 190 -5.05 4.77 1.13
CA ASN B 190 -4.57 3.47 1.65
C ASN B 190 -5.74 2.49 1.99
N GLY B 191 -6.74 2.50 1.13
CA GLY B 191 -7.80 1.53 1.16
C GLY B 191 -8.92 1.85 2.13
N ARG B 192 -8.84 2.99 2.81
CA ARG B 192 -9.93 3.38 3.71
C ARG B 192 -10.44 4.79 3.47
N PRO B 193 -11.67 5.08 3.95
CA PRO B 193 -12.14 6.43 3.74
C PRO B 193 -11.21 7.45 4.38
N LEU B 194 -11.03 8.59 3.72
CA LEU B 194 -10.09 9.59 4.19
CA LEU B 194 -10.12 9.64 4.19
C LEU B 194 -10.50 10.13 5.56
N SER B 195 -9.56 10.16 6.48
CA SER B 195 -9.81 10.65 7.84
C SER B 195 -9.85 12.18 7.84
N LEU B 196 -10.40 12.76 8.91
CA LEU B 196 -10.39 14.20 9.08
C LEU B 196 -8.97 14.75 9.04
N ALA B 197 -8.04 14.06 9.71
CA ALA B 197 -6.64 14.50 9.80
C ALA B 197 -5.99 14.65 8.42
N HIS B 198 -6.43 13.85 7.46
CA HIS B 198 -5.88 13.85 6.11
C HIS B 198 -6.82 14.32 5.03
N GLY B 199 -7.89 14.98 5.45
CA GLY B 199 -8.70 15.83 4.57
C GLY B 199 -10.00 15.27 4.04
N GLY B 200 -10.53 14.24 4.69
CA GLY B 200 -11.85 13.76 4.38
C GLY B 200 -12.91 14.85 4.49
N PRO B 201 -14.00 14.74 3.75
CA PRO B 201 -14.39 13.56 2.99
C PRO B 201 -13.87 13.54 1.56
N LEU B 202 -13.23 14.64 1.13
CA LEU B 202 -12.71 14.72 -0.24
C LEU B 202 -11.53 15.67 -0.27
N ARG B 203 -10.48 15.27 -0.98
CA ARG B 203 -9.22 16.02 -1.02
C ARG B 203 -8.78 16.22 -2.47
N MET B 204 -8.30 17.40 -2.80
CA MET B 204 -7.76 17.65 -4.14
C MET B 204 -6.29 17.27 -4.09
N VAL B 205 -5.93 16.20 -4.78
CA VAL B 205 -4.56 15.69 -4.82
C VAL B 205 -3.87 16.12 -6.09
N VAL B 206 -2.71 16.75 -5.95
CA VAL B 206 -1.93 17.27 -7.08
C VAL B 206 -0.59 16.55 -7.08
N PRO B 207 -0.53 15.42 -7.80
CA PRO B 207 0.71 14.62 -7.81
C PRO B 207 1.95 15.38 -8.23
N GLY B 208 3.00 15.21 -7.44
CA GLY B 208 4.30 15.82 -7.69
C GLY B 208 4.47 17.21 -7.13
N TYR B 209 3.39 17.78 -6.60
CA TYR B 209 3.41 19.13 -6.05
C TYR B 209 3.49 19.09 -4.53
N SER B 210 4.01 20.16 -3.96
N SER B 210 4.04 20.13 -3.95
CA SER B 210 4.17 20.29 -2.53
CA SER B 210 4.22 20.21 -2.50
C SER B 210 2.84 20.19 -1.78
C SER B 210 2.88 20.20 -1.77
N GLY B 211 2.96 19.78 -0.51
CA GLY B 211 1.81 19.54 0.36
C GLY B 211 0.72 20.57 0.38
N VAL B 212 1.11 21.84 0.48
CA VAL B 212 0.15 22.94 0.54
C VAL B 212 -0.88 22.92 -0.57
N ASN B 213 -0.48 22.43 -1.76
CA ASN B 213 -1.38 22.39 -2.92
C ASN B 213 -2.44 21.28 -2.90
N ASN B 214 -2.26 20.31 -2.01
CA ASN B 214 -3.15 19.19 -1.84
C ASN B 214 -4.25 19.55 -0.84
N ILE B 215 -5.27 20.22 -1.35
CA ILE B 215 -6.30 20.87 -0.53
C ILE B 215 -7.23 19.87 0.14
N LYS B 216 -7.22 19.87 1.48
CA LYS B 216 -8.09 19.05 2.31
C LYS B 216 -9.52 19.55 2.28
N TYR B 217 -10.46 18.63 2.43
CA TYR B 217 -11.90 18.95 2.54
C TYR B 217 -12.32 19.98 1.49
N VAL B 218 -11.96 19.63 0.25
CA VAL B 218 -12.12 20.56 -0.84
C VAL B 218 -13.59 20.80 -1.17
N LYS B 219 -14.02 22.05 -1.12
CA LYS B 219 -15.44 22.42 -1.36
C LYS B 219 -15.67 23.12 -2.68
N ALA B 220 -14.60 23.47 -3.38
CA ALA B 220 -14.72 24.14 -4.68
C ALA B 220 -13.46 23.89 -5.49
N VAL B 221 -13.64 23.59 -6.78
CA VAL B 221 -12.55 23.47 -7.72
C VAL B 221 -12.94 24.32 -8.92
N ALA B 222 -12.12 25.32 -9.23
CA ALA B 222 -12.40 26.29 -10.29
C ALA B 222 -11.26 26.29 -11.30
N MET B 223 -11.62 26.24 -12.57
CA MET B 223 -10.64 26.42 -13.64
C MET B 223 -10.58 27.91 -13.89
N THR B 224 -9.52 28.56 -13.42
CA THR B 224 -9.45 30.03 -13.41
C THR B 224 -8.42 30.57 -14.40
N GLU B 225 -8.61 31.84 -14.78
CA GLU B 225 -7.70 32.53 -15.69
CA GLU B 225 -7.70 32.53 -15.70
C GLU B 225 -6.49 33.09 -14.97
N VAL B 226 -6.61 33.24 -13.65
CA VAL B 226 -5.56 33.77 -12.78
C VAL B 226 -5.48 32.91 -11.51
N GLU B 227 -4.34 33.01 -10.83
CA GLU B 227 -4.20 32.46 -9.50
C GLU B 227 -5.16 33.14 -8.54
N THR B 228 -5.63 32.40 -7.54
CA THR B 228 -6.26 33.07 -6.39
C THR B 228 -5.31 34.14 -5.80
N ASP B 229 -5.89 35.25 -5.34
CA ASP B 229 -5.12 36.25 -4.63
C ASP B 229 -5.28 36.14 -3.11
N ALA B 230 -5.79 35.00 -2.63
CA ALA B 230 -5.72 34.68 -1.22
C ALA B 230 -4.28 34.80 -0.76
N LYS B 231 -4.10 35.29 0.46
CA LYS B 231 -2.77 35.46 1.04
C LYS B 231 -1.90 34.22 0.91
N ILE B 232 -2.49 33.05 1.18
CA ILE B 232 -1.73 31.80 1.18
C ILE B 232 -1.15 31.43 -0.22
N GLN B 233 -1.70 32.03 -1.27
CA GLN B 233 -1.16 31.92 -2.65
C GLN B 233 -0.30 33.11 -3.06
N LYS B 234 -0.77 34.31 -2.77
CA LYS B 234 -0.14 35.51 -3.29
C LYS B 234 1.24 35.77 -2.69
N THR B 235 1.31 35.74 -1.35
CA THR B 235 2.52 36.12 -0.64
C THR B 235 3.11 35.04 0.25
N SER B 236 2.31 34.12 0.78
CA SER B 236 2.85 32.95 1.47
C SER B 236 3.31 31.92 0.46
N TYR B 237 4.13 30.97 0.92
CA TYR B 237 4.54 29.84 0.10
C TYR B 237 5.24 30.27 -1.18
N ARG B 238 6.08 31.31 -1.05
CA ARG B 238 6.90 31.83 -2.13
C ARG B 238 8.36 31.64 -1.81
N VAL B 239 9.17 31.42 -2.85
CA VAL B 239 10.60 31.22 -2.67
C VAL B 239 11.34 32.55 -2.85
N HIS B 240 11.93 33.05 -1.78
CA HIS B 240 12.62 34.35 -1.80
C HIS B 240 13.85 34.30 -0.91
N ALA B 241 14.65 35.35 -0.94
CA ALA B 241 15.88 35.42 -0.16
C ALA B 241 15.57 35.72 1.29
N LEU B 242 16.51 35.44 2.19
CA LEU B 242 16.36 35.85 3.59
C LEU B 242 16.15 37.35 3.65
N GLY B 243 15.20 37.79 4.46
CA GLY B 243 14.93 39.21 4.65
C GLY B 243 14.04 39.84 3.58
N GLU B 244 13.66 39.07 2.55
CA GLU B 244 12.68 39.52 1.56
C GLU B 244 11.27 39.09 1.96
N LYS B 245 10.30 39.92 1.57
CA LYS B 245 8.89 39.55 1.66
C LYS B 245 8.49 38.65 0.49
N GLY B 246 7.53 37.78 0.73
CA GLY B 246 6.92 37.01 -0.33
C GLY B 246 6.10 37.89 -1.25
N SER B 247 6.15 37.58 -2.56
CA SER B 247 5.39 38.32 -3.57
C SER B 247 5.15 37.47 -4.80
N PRO B 248 4.09 37.81 -5.58
CA PRO B 248 3.65 36.87 -6.61
C PRO B 248 4.48 36.79 -7.89
N ASP B 249 5.54 37.58 -7.98
CA ASP B 249 6.55 37.45 -9.04
C ASP B 249 7.56 36.34 -8.73
N GLN B 250 7.57 35.85 -7.49
CA GLN B 250 8.51 34.81 -7.07
C GLN B 250 7.92 33.44 -7.34
N PRO B 251 8.77 32.40 -7.48
CA PRO B 251 8.26 31.03 -7.65
C PRO B 251 7.42 30.64 -6.46
N SER B 252 6.27 30.02 -6.73
CA SER B 252 5.47 29.41 -5.68
C SER B 252 6.04 28.02 -5.39
N VAL B 253 5.75 27.47 -4.23
CA VAL B 253 6.11 26.08 -3.93
CA VAL B 253 6.11 26.10 -3.92
C VAL B 253 5.11 25.17 -4.63
N TRP B 254 5.51 24.72 -5.82
CA TRP B 254 4.68 23.92 -6.69
C TRP B 254 5.36 22.55 -6.84
N GLU B 255 6.07 22.30 -7.95
CA GLU B 255 6.72 21.02 -8.16
C GLU B 255 7.75 20.77 -7.07
N GLN B 256 7.79 19.54 -6.52
CA GLN B 256 8.78 19.26 -5.49
C GLN B 256 10.01 18.63 -6.14
N PRO B 257 11.20 18.95 -5.62
CA PRO B 257 12.44 18.50 -6.29
C PRO B 257 12.84 17.08 -5.91
N VAL B 258 13.76 16.53 -6.70
CA VAL B 258 14.38 15.23 -6.38
C VAL B 258 14.92 15.21 -4.96
N LYS B 259 14.69 14.09 -4.25
CA LYS B 259 15.01 14.05 -2.82
C LYS B 259 15.10 12.62 -2.33
N SER B 260 15.86 12.42 -1.26
CA SER B 260 15.93 11.15 -0.58
C SER B 260 16.43 11.38 0.83
N TRP B 261 16.29 10.35 1.66
CA TRP B 261 16.96 10.30 2.98
C TRP B 261 17.02 8.86 3.46
N ILE B 262 17.99 8.61 4.32
CA ILE B 262 18.17 7.32 4.96
C ILE B 262 17.20 7.23 6.13
N THR B 263 16.54 6.07 6.25
CA THR B 263 15.58 5.83 7.34
C THR B 263 16.01 4.76 8.33
N THR B 264 16.92 3.87 7.96
CA THR B 264 17.32 2.76 8.81
C THR B 264 18.73 2.28 8.42
N PRO B 265 19.55 1.86 9.38
CA PRO B 265 19.32 2.01 10.81
C PRO B 265 19.42 3.48 11.21
N HIS B 266 18.90 3.85 12.36
CA HIS B 266 18.81 5.28 12.69
C HIS B 266 19.76 5.80 13.75
N GLU B 267 20.46 4.91 14.48
CA GLU B 267 21.29 5.33 15.62
C GLU B 267 22.52 4.43 15.91
N ALA B 268 22.27 3.13 16.04
CA ALA B 268 23.32 2.15 16.34
C ALA B 268 23.16 0.88 15.52
N ALA B 269 24.22 0.08 15.48
CA ALA B 269 24.24 -1.22 14.82
C ALA B 269 25.45 -2.00 15.33
N LYS B 270 25.43 -3.31 15.08
CA LYS B 270 26.55 -4.17 15.40
C LYS B 270 27.47 -4.24 14.19
N ALA B 271 28.76 -4.35 14.46
CA ALA B 271 29.73 -4.57 13.42
C ALA B 271 29.40 -5.81 12.62
N GLY B 272 29.66 -5.75 11.32
CA GLY B 272 29.31 -6.80 10.40
C GLY B 272 28.33 -6.26 9.37
N GLN B 273 27.45 -7.14 8.89
CA GLN B 273 26.54 -6.76 7.81
CA GLN B 273 26.48 -6.82 7.84
C GLN B 273 25.41 -5.89 8.34
N VAL B 274 25.10 -4.84 7.59
CA VAL B 274 24.11 -3.83 7.96
C VAL B 274 23.33 -3.50 6.70
N GLN B 275 22.00 -3.53 6.76
CA GLN B 275 21.19 -3.11 5.64
C GLN B 275 20.82 -1.65 5.85
N ILE B 276 21.28 -0.81 4.94
CA ILE B 276 21.05 0.61 5.03
C ILE B 276 19.97 0.94 4.01
N ALA B 277 18.87 1.50 4.47
CA ALA B 277 17.73 1.74 3.59
C ALA B 277 17.15 3.13 3.77
N GLY B 278 16.36 3.53 2.77
CA GLY B 278 15.71 4.82 2.79
C GLY B 278 14.68 4.95 1.70
N VAL B 279 14.23 6.18 1.49
CA VAL B 279 13.22 6.48 0.51
C VAL B 279 13.74 7.57 -0.43
N ALA B 280 13.36 7.48 -1.71
CA ALA B 280 13.82 8.39 -2.77
C ALA B 280 12.73 8.64 -3.80
N PHE B 281 12.64 9.88 -4.26
CA PHE B 281 11.64 10.30 -5.23
C PHE B 281 12.14 11.43 -6.08
N GLY B 282 11.53 11.59 -7.26
CA GLY B 282 11.90 12.68 -8.16
C GLY B 282 10.88 13.79 -8.25
N GLY B 283 9.78 13.71 -7.50
CA GLY B 283 8.75 14.73 -7.52
C GLY B 283 7.79 14.51 -8.67
N MET B 284 8.01 15.25 -9.76
CA MET B 284 7.22 15.07 -10.97
C MET B 284 7.71 13.88 -11.80
N ASN B 285 8.93 13.41 -11.51
CA ASN B 285 9.56 12.31 -12.25
C ASN B 285 9.90 11.17 -11.27
N ALA B 286 10.00 9.96 -11.80
CA ALA B 286 10.43 8.82 -11.00
C ALA B 286 11.88 8.99 -10.58
N CYS B 287 12.23 8.42 -9.44
CA CYS B 287 13.64 8.22 -9.07
C CYS B 287 14.22 7.10 -9.95
N LYS B 288 15.34 7.36 -10.62
CA LYS B 288 15.98 6.37 -11.49
CA LYS B 288 16.03 6.42 -11.52
C LYS B 288 17.08 5.58 -10.77
N SER B 289 17.79 6.24 -9.87
CA SER B 289 18.87 5.58 -9.16
C SER B 289 19.21 6.30 -7.88
N VAL B 290 19.81 5.57 -6.94
CA VAL B 290 20.23 6.15 -5.68
C VAL B 290 21.62 5.63 -5.33
N GLU B 291 22.48 6.56 -4.91
CA GLU B 291 23.82 6.24 -4.38
CA GLU B 291 23.80 6.19 -4.38
C GLU B 291 23.80 6.43 -2.87
N VAL B 292 24.51 5.56 -2.15
CA VAL B 292 24.59 5.64 -0.70
C VAL B 292 26.07 5.70 -0.31
N SER B 293 26.37 6.57 0.66
CA SER B 293 27.71 6.71 1.25
C SER B 293 27.59 6.49 2.74
N VAL B 294 28.58 5.79 3.30
CA VAL B 294 28.66 5.59 4.75
C VAL B 294 29.72 6.47 5.40
N ASP B 295 30.45 7.24 4.60
CA ASP B 295 31.56 8.08 5.10
C ASP B 295 31.30 9.56 4.75
N GLY B 296 30.03 9.95 4.80
CA GLY B 296 29.66 11.36 4.70
C GLY B 296 29.83 11.94 3.31
N GLY B 297 29.78 11.08 2.31
CA GLY B 297 29.85 11.50 0.92
C GLY B 297 31.22 11.50 0.28
N GLN B 298 32.22 10.93 0.94
CA GLN B 298 33.55 10.80 0.31
C GLN B 298 33.54 9.71 -0.74
N THR B 299 32.92 8.58 -0.40
CA THR B 299 32.83 7.38 -1.21
CA THR B 299 32.78 7.51 -1.37
C THR B 299 31.34 7.02 -1.41
N TRP B 300 30.93 6.69 -2.63
CA TRP B 300 29.54 6.31 -2.91
C TRP B 300 29.46 4.91 -3.55
N GLN B 301 28.36 4.21 -3.26
CA GLN B 301 28.02 2.96 -3.92
C GLN B 301 26.57 3.03 -4.37
N GLU B 302 26.26 2.36 -5.47
CA GLU B 302 24.90 2.29 -5.98
C GLU B 302 24.03 1.40 -5.09
N ALA B 303 22.85 1.89 -4.73
CA ALA B 303 21.89 1.10 -3.95
C ALA B 303 20.92 0.38 -4.90
N GLU B 304 20.22 -0.62 -4.36
CA GLU B 304 19.20 -1.35 -5.12
C GLU B 304 17.84 -0.85 -4.72
N PHE B 305 16.89 -0.82 -5.66
CA PHE B 305 15.49 -0.59 -5.27
C PHE B 305 14.88 -1.83 -4.63
N ILE B 306 14.01 -1.57 -3.66
CA ILE B 306 13.33 -2.56 -2.84
C ILE B 306 11.84 -2.40 -3.07
N GLY B 307 11.15 -3.48 -3.40
CA GLY B 307 9.70 -3.44 -3.57
C GLY B 307 9.22 -2.94 -4.92
N PRO B 308 7.90 -2.93 -5.13
CA PRO B 308 7.35 -2.54 -6.42
C PRO B 308 7.45 -1.05 -6.69
N ASP B 309 7.43 -0.73 -7.98
CA ASP B 309 7.41 0.65 -8.48
C ASP B 309 5.95 1.12 -8.53
N LEU B 310 5.59 2.09 -7.66
CA LEU B 310 4.26 2.65 -7.65
C LEU B 310 4.11 3.88 -8.55
N GLY B 311 5.08 4.15 -9.39
CA GLY B 311 4.91 5.14 -10.46
C GLY B 311 5.63 6.42 -10.21
N ARG B 312 5.49 7.33 -11.17
CA ARG B 312 6.41 8.45 -11.26
C ARG B 312 6.33 9.44 -10.10
N PHE B 313 5.17 9.52 -9.44
CA PHE B 313 4.99 10.45 -8.34
C PHE B 313 5.23 9.83 -6.96
N ALA B 314 5.49 8.52 -6.90
CA ALA B 314 5.67 7.84 -5.62
C ALA B 314 7.14 7.85 -5.25
N TRP B 315 7.47 7.34 -4.07
CA TRP B 315 8.85 7.11 -3.74
C TRP B 315 9.19 5.63 -3.86
N ARG B 316 10.47 5.35 -4.08
CA ARG B 316 11.00 3.98 -3.99
C ARG B 316 11.71 3.83 -2.67
N VAL B 317 11.64 2.62 -2.11
CA VAL B 317 12.58 2.22 -1.07
C VAL B 317 13.86 1.76 -1.77
N PHE B 318 14.99 2.12 -1.18
CA PHE B 318 16.30 1.68 -1.64
C PHE B 318 17.06 1.07 -0.48
N ALA B 319 18.04 0.21 -0.80
CA ALA B 319 18.89 -0.37 0.22
C ALA B 319 20.27 -0.67 -0.30
N LEU B 320 21.24 -0.53 0.61
CA LEU B 320 22.62 -0.92 0.36
C LEU B 320 22.98 -1.93 1.42
N SER B 321 23.45 -3.10 1.00
CA SER B 321 24.00 -4.07 1.92
C SER B 321 25.45 -3.68 2.20
N ALA B 322 25.75 -3.32 3.45
CA ALA B 322 27.08 -2.87 3.84
C ALA B 322 27.67 -3.86 4.86
N ASP B 323 29.01 -3.87 4.95
CA ASP B 323 29.76 -4.66 5.90
CA ASP B 323 29.73 -4.70 5.92
C ASP B 323 30.69 -3.69 6.59
N LEU B 324 30.41 -3.39 7.85
CA LEU B 324 31.01 -2.26 8.55
C LEU B 324 31.79 -2.70 9.77
N ALA B 325 32.97 -2.09 9.94
CA ALA B 325 33.76 -2.25 11.17
C ALA B 325 33.24 -1.33 12.23
N ARG B 326 33.68 -1.57 13.46
CA ARG B 326 33.38 -0.69 14.59
CA ARG B 326 33.37 -0.70 14.57
C ARG B 326 33.83 0.72 14.24
N GLY B 327 32.98 1.70 14.52
CA GLY B 327 33.30 3.10 14.15
C GLY B 327 32.04 3.94 14.12
N THR B 328 32.19 5.20 13.71
CA THR B 328 31.08 6.15 13.67
C THR B 328 30.91 6.61 12.25
N TYR B 329 29.84 6.12 11.62
CA TYR B 329 29.57 6.32 10.21
C TYR B 329 28.62 7.50 10.03
N THR B 330 28.66 8.06 8.82
CA THR B 330 27.82 9.21 8.45
C THR B 330 27.11 8.81 7.16
N LEU B 331 25.85 8.38 7.32
CA LEU B 331 25.10 7.76 6.24
C LEU B 331 24.32 8.82 5.47
N VAL B 332 24.54 8.88 4.16
CA VAL B 332 23.85 9.80 3.28
C VAL B 332 23.44 9.09 1.98
N SER B 333 22.41 9.63 1.34
CA SER B 333 21.89 9.10 0.08
C SER B 333 21.75 10.25 -0.92
N ARG B 334 22.02 9.95 -2.19
CA ARG B 334 21.93 10.93 -3.25
C ARG B 334 21.15 10.32 -4.41
N ALA B 335 19.97 10.88 -4.65
CA ALA B 335 19.03 10.41 -5.66
C ALA B 335 19.14 11.16 -6.96
N THR B 336 18.90 10.45 -8.05
CA THR B 336 18.84 11.02 -9.40
C THR B 336 17.50 10.62 -10.01
N ASP B 337 16.82 11.56 -10.65
CA ASP B 337 15.53 11.26 -11.29
C ASP B 337 15.73 10.80 -12.74
N THR B 338 14.64 10.47 -13.42
CA THR B 338 14.72 9.95 -14.78
C THR B 338 15.20 10.96 -15.81
N GLU B 339 15.20 12.25 -15.46
CA GLU B 339 15.67 13.32 -16.33
C GLU B 339 17.07 13.82 -15.97
N GLY B 340 17.80 13.10 -15.11
CA GLY B 340 19.15 13.49 -14.72
C GLY B 340 19.28 14.55 -13.63
N ASN B 341 18.17 14.94 -13.01
CA ASN B 341 18.25 15.86 -11.88
C ASN B 341 18.75 15.08 -10.68
N VAL B 342 19.77 15.62 -10.02
CA VAL B 342 20.40 14.95 -8.88
C VAL B 342 20.36 15.89 -7.66
N GLN B 343 20.20 15.32 -6.46
CA GLN B 343 20.21 16.13 -5.26
C GLN B 343 21.56 16.83 -5.12
N PRO B 344 21.54 18.11 -4.72
CA PRO B 344 22.78 18.80 -4.37
C PRO B 344 23.22 18.43 -2.97
N GLU B 345 24.47 18.73 -2.65
CA GLU B 345 24.95 18.58 -1.28
C GLU B 345 24.17 19.42 -0.30
N GLU B 346 23.94 20.68 -0.68
CA GLU B 346 23.23 21.65 0.15
C GLU B 346 22.23 22.35 -0.73
N THR B 347 21.10 22.76 -0.17
CA THR B 347 20.09 23.49 -0.95
C THR B 347 20.32 24.98 -0.74
N GLU B 348 20.21 25.76 -1.82
CA GLU B 348 20.30 27.23 -1.72
C GLU B 348 19.30 27.76 -0.68
N MET B 349 19.77 28.68 0.16
CA MET B 349 18.92 29.28 1.19
C MET B 349 17.72 29.98 0.57
N ASN B 350 16.57 29.90 1.24
CA ASN B 350 15.45 30.78 0.96
C ASN B 350 14.83 31.15 2.29
N GLY B 351 14.26 32.34 2.36
CA GLY B 351 13.88 32.93 3.65
C GLY B 351 12.87 32.23 4.51
N ALA B 352 11.90 31.57 3.87
CA ALA B 352 10.90 30.81 4.60
C ALA B 352 11.29 29.35 4.80
N GLY B 353 12.41 28.92 4.20
CA GLY B 353 12.96 27.59 4.41
C GLY B 353 12.16 26.48 3.76
N TYR B 354 11.75 26.71 2.50
CA TYR B 354 11.00 25.75 1.73
C TYR B 354 11.87 24.87 0.83
N GLY B 355 11.47 23.63 0.67
CA GLY B 355 12.03 22.80 -0.41
C GLY B 355 13.41 22.24 -0.19
N HIS B 356 13.83 22.08 1.06
CA HIS B 356 15.15 21.48 1.30
C HIS B 356 15.25 20.13 0.61
N ASN B 357 16.35 19.88 -0.11
CA ASN B 357 16.59 18.55 -0.73
C ASN B 357 18.06 18.15 -0.75
N GLY B 358 18.86 18.74 0.12
CA GLY B 358 20.29 18.45 0.16
C GLY B 358 20.54 17.08 0.78
N TRP B 359 21.63 16.44 0.38
CA TRP B 359 22.00 15.15 0.95
C TRP B 359 22.84 15.20 2.22
N ARG B 360 23.54 16.30 2.47
CA ARG B 360 24.45 16.33 3.62
C ARG B 360 23.71 16.49 4.94
N ALA B 361 22.76 17.42 5.00
CA ALA B 361 22.11 17.74 6.27
C ALA B 361 21.32 16.61 6.91
N PRO B 362 20.56 15.81 6.13
CA PRO B 362 19.80 14.72 6.76
C PRO B 362 20.61 13.44 7.06
N ALA B 363 21.94 13.54 7.06
CA ALA B 363 22.78 12.38 7.37
C ALA B 363 22.41 11.71 8.66
N VAL B 364 22.51 10.38 8.67
CA VAL B 364 22.35 9.61 9.89
C VAL B 364 23.73 9.31 10.47
N LYS B 365 23.95 9.70 11.72
CA LYS B 365 25.16 9.28 12.45
C LYS B 365 24.90 7.90 13.01
N LEU B 366 25.66 6.91 12.55
CA LEU B 366 25.49 5.52 12.96
C LEU B 366 26.72 5.05 13.77
N THR B 367 26.51 4.70 15.03
CA THR B 367 27.56 4.17 15.90
C THR B 367 27.53 2.66 15.73
N VAL B 368 28.60 2.12 15.18
CA VAL B 368 28.71 0.67 14.97
C VAL B 368 29.64 0.11 16.05
N ALA B 369 29.13 -0.82 16.84
CA ALA B 369 29.87 -1.32 18.01
C ALA B 369 30.18 -2.80 17.92
N1 MSS C . 0.14 -20.04 10.84
C2 MSS C . 0.10 -20.58 12.09
N2 MSS C . 1.26 -20.63 12.77
N3 MSS C . -1.04 -21.02 12.67
C4 MSS C . -2.22 -21.01 12.05
O4 MSS C . -3.26 -21.48 12.55
N5 MSS C . -3.45 -20.42 9.91
C6 MSS C . -3.20 -20.40 8.46
C7 MSS C . -2.17 -19.34 8.09
N8 MSS C . -0.97 -19.40 8.89
C9 MSS C . -2.29 -20.43 10.68
C10 MSS C . -1.01 -19.92 10.14
C1' MSS C . -4.42 -20.27 7.57
S1' MSS C . -5.36 -21.65 7.27
C2' MSS C . -4.69 -19.09 6.95
S2' MSS C . -5.94 -18.96 5.84
C3' MSS C . -3.81 -17.86 7.19
O3' MSS C . -2.77 -18.04 8.15
C4' MSS C . -4.64 -16.67 7.68
O4' MSS C . -3.79 -15.54 7.92
P MSS C . -4.40 -14.21 8.54
O1P MSS C . -3.22 -13.29 8.76
O2P MSS C . -5.12 -14.60 9.81
O3P MSS C . -5.35 -13.66 7.47
MOM1 MSS C . -6.76 -21.12 5.44
OM1 MSS C . -6.00 -21.79 3.91
C1 GOL D . -11.91 5.05 -15.21
O1 GOL D . -12.23 6.40 -14.78
C2 GOL D . -13.10 4.14 -14.90
O2 GOL D . -14.27 4.75 -15.40
C3 GOL D . -12.98 2.79 -15.60
O3 GOL D . -13.27 2.94 -16.99
N1 MSS E . -5.88 21.88 3.13
C2 MSS E . -6.67 22.69 3.88
N2 MSS E . -7.96 22.79 3.54
N3 MSS E . -6.22 23.36 4.95
C4 MSS E . -4.95 23.31 5.34
O4 MSS E . -4.54 23.98 6.31
N5 MSS E . -2.67 22.40 4.87
C6 MSS E . -1.83 22.09 3.72
C7 MSS E . -2.39 20.88 2.96
N8 MSS E . -3.80 20.96 2.69
C9 MSS E . -4.01 22.44 4.62
C10 MSS E . -4.58 21.74 3.46
C1' MSS E . -0.35 21.85 3.98
S1' MSS E . 0.66 23.20 4.17
C2' MSS E . 0.17 20.60 4.00
S2' MSS E . 1.85 20.34 4.17
C3' MSS E . -0.72 19.40 3.82
O3' MSS E . -2.12 19.71 3.71
C4' MSS E . -0.58 18.42 4.99
O4' MSS E . -1.35 17.24 4.73
P MSS E . -1.52 16.13 5.89
O1P MSS E . -1.79 16.83 7.20
O2P MSS E . -0.15 15.51 5.88
O3P MSS E . -2.63 15.22 5.43
MOM1 MSS E . 2.89 22.44 4.00
OM1 MSS E . 3.46 22.66 2.26
C1 GOL F . 9.29 19.68 14.69
O1 GOL F . 10.39 19.60 15.61
C2 GOL F . 8.18 18.77 15.19
O2 GOL F . 8.58 17.40 15.04
C3 GOL F . 6.91 19.05 14.40
O3 GOL F . 5.77 18.38 14.99
C1 GOL G . 19.85 -4.79 -0.75
O1 GOL G . 20.92 -5.15 -1.64
C2 GOL G . 19.41 -5.98 0.10
O2 GOL G . 20.55 -6.53 0.75
C3 GOL G . 18.75 -7.07 -0.73
O3 GOL G . 18.50 -8.23 0.09
#